data_2DCJ
#
_entry.id   2DCJ
#
_cell.length_a   122.927
_cell.length_b   122.927
_cell.length_c   331.943
_cell.angle_alpha   90.00
_cell.angle_beta   90.00
_cell.angle_gamma   120.00
#
_symmetry.space_group_name_H-M   'P 61 2 2'
#
loop_
_entity.id
_entity.type
_entity.pdbx_description
1 polymer 'xylanase J'
2 non-polymer 'CALCIUM ION'
3 non-polymer (4S)-2-METHYL-2,4-PENTANEDIOL
4 non-polymer GLYCEROL
5 water water
#
_entity_poly.entity_id   1
_entity_poly.type   'polypeptide(L)'
_entity_poly.pdbx_seq_one_letter_code
;MKQVKIMFLMTMFLGIGLLFFSENAEAAITSNEIGTHDGYDYEFWKDSGGSGSMTLNSGGTFSAQWSNVNNILFRKGKKF
DETQTHQQIGNMSINYGATYNPNGNSYLTVYGWTVDPLVEFYIVDSWGTWRPPGGTPKGTINVDGGTYQIYETTRYNQPS
IKGTATFQQYWSVRTSKRTSGTISVSEHFRAWESLGMNMGNMYEVALTVEGYQSSGSANVYSNTLTIGGQSGGEQATRVE
AESMTKGGPYTSNITSPFNGVALYANGDNVSFNHSFTKANSSFSLRGASNNSNMARVDLRIGGQNRGTFYFGDQYPAVYT
INNINHGIGNQLVELIVTADDGTWDAYLDYLEIR
;
_entity_poly.pdbx_strand_id   A,B
#
loop_
_chem_comp.id
_chem_comp.type
_chem_comp.name
_chem_comp.formula
CA non-polymer 'CALCIUM ION' 'Ca 2'
GOL non-polymer GLYCEROL 'C3 H8 O3'
MPD non-polymer (4S)-2-METHYL-2,4-PENTANEDIOL 'C6 H14 O2'
#
# COMPACT_ATOMS: atom_id res chain seq x y z
N ALA A 28 1.83 16.31 -14.23
CA ALA A 28 0.53 16.48 -13.56
C ALA A 28 -0.49 15.67 -14.38
N ILE A 29 -1.55 15.24 -13.72
CA ILE A 29 -2.64 14.56 -14.39
C ILE A 29 -3.70 15.58 -14.83
N THR A 30 -4.11 15.52 -16.12
CA THR A 30 -5.12 16.49 -16.64
C THR A 30 -6.25 15.85 -17.41
N SER A 31 -6.33 14.50 -17.36
CA SER A 31 -7.37 13.69 -17.96
C SER A 31 -7.71 12.57 -17.03
N ASN A 32 -8.88 12.01 -17.19
CA ASN A 32 -9.39 11.00 -16.28
C ASN A 32 -8.42 9.83 -16.17
N GLU A 33 -8.21 9.42 -14.95
CA GLU A 33 -7.18 8.46 -14.66
C GLU A 33 -7.42 7.86 -13.30
N ILE A 34 -7.09 6.56 -13.23
CA ILE A 34 -7.05 5.83 -11.99
C ILE A 34 -5.69 5.12 -11.83
N GLY A 35 -5.28 5.05 -10.57
CA GLY A 35 -4.03 4.39 -10.23
C GLY A 35 -3.78 4.23 -8.72
N THR A 36 -2.59 3.78 -8.39
CA THR A 36 -2.18 3.62 -7.01
C THR A 36 -0.85 4.31 -6.91
N HIS A 37 -0.79 5.30 -6.02
CA HIS A 37 0.41 6.12 -5.92
C HIS A 37 0.84 6.24 -4.50
N ASP A 38 2.06 5.78 -4.26
CA ASP A 38 2.58 5.63 -2.89
C ASP A 38 1.64 4.93 -1.93
N GLY A 39 1.01 3.87 -2.39
CA GLY A 39 0.08 3.13 -1.53
C GLY A 39 -1.34 3.59 -1.55
N TYR A 40 -1.61 4.78 -2.11
CA TYR A 40 -2.94 5.33 -2.08
C TYR A 40 -3.60 5.18 -3.47
N ASP A 41 -4.80 4.65 -3.49
CA ASP A 41 -5.66 4.64 -4.72
C ASP A 41 -6.17 6.04 -5.04
N TYR A 42 -5.64 6.58 -6.13
CA TYR A 42 -5.98 7.88 -6.62
C TYR A 42 -6.88 7.81 -7.87
N GLU A 43 -7.65 8.89 -8.03
CA GLU A 43 -8.55 9.10 -9.18
C GLU A 43 -8.73 10.63 -9.46
N PHE A 44 -8.60 10.96 -10.74
CA PHE A 44 -9.02 12.19 -11.39
C PHE A 44 -10.24 11.78 -12.26
N TRP A 45 -11.33 12.47 -12.02
CA TRP A 45 -12.51 12.36 -12.86
C TRP A 45 -13.08 13.73 -13.11
N LYS A 46 -13.32 14.02 -14.37
CA LYS A 46 -14.18 15.13 -14.76
C LYS A 46 -15.04 14.80 -15.97
N ASP A 47 -16.20 15.44 -16.02
CA ASP A 47 -16.96 15.50 -17.24
C ASP A 47 -16.43 16.61 -18.17
N SER A 48 -17.06 16.74 -19.33
CA SER A 48 -16.58 17.69 -20.30
C SER A 48 -16.79 19.11 -19.79
N GLY A 49 -15.85 19.97 -20.19
CA GLY A 49 -15.84 21.40 -19.95
C GLY A 49 -14.76 21.81 -19.00
N GLY A 50 -14.09 22.92 -19.32
CA GLY A 50 -13.12 23.46 -18.43
C GLY A 50 -11.89 22.49 -18.39
N SER A 51 -11.16 22.60 -17.31
CA SER A 51 -9.88 21.96 -17.20
C SER A 51 -9.55 21.69 -15.74
N GLY A 52 -8.64 20.75 -15.55
CA GLY A 52 -8.19 20.44 -14.21
C GLY A 52 -6.81 19.85 -14.24
N SER A 53 -6.20 19.84 -13.10
CA SER A 53 -4.79 19.38 -12.96
C SER A 53 -4.59 18.87 -11.55
N MET A 54 -3.98 17.68 -11.45
CA MET A 54 -3.71 17.05 -10.17
C MET A 54 -2.26 16.60 -10.09
N THR A 55 -1.62 16.90 -8.98
CA THR A 55 -0.23 16.53 -8.78
C THR A 55 -0.21 15.63 -7.59
N LEU A 56 0.43 14.48 -7.75
CA LEU A 56 0.38 13.44 -6.70
C LEU A 56 1.64 13.53 -5.89
N ASN A 57 1.50 13.68 -4.58
CA ASN A 57 2.68 13.71 -3.70
C ASN A 57 2.63 12.46 -2.78
N SER A 58 3.53 12.44 -1.80
CA SER A 58 3.81 11.21 -1.06
C SER A 58 2.72 10.95 -0.08
N GLY A 59 2.61 9.69 0.31
CA GLY A 59 1.50 9.31 1.14
C GLY A 59 0.16 9.53 0.46
N GLY A 60 -0.84 9.95 1.25
CA GLY A 60 -2.16 10.29 0.76
C GLY A 60 -2.25 11.70 0.13
N THR A 61 -1.11 12.37 -0.06
CA THR A 61 -1.14 13.74 -0.47
C THR A 61 -1.19 14.03 -1.93
N PHE A 62 -1.78 15.18 -2.22
CA PHE A 62 -1.92 15.62 -3.61
C PHE A 62 -2.29 17.09 -3.61
N SER A 63 -2.01 17.79 -4.70
CA SER A 63 -2.60 19.10 -4.95
C SER A 63 -3.46 19.00 -6.22
N ALA A 64 -4.31 20.00 -6.37
CA ALA A 64 -5.29 20.08 -7.44
C ALA A 64 -5.65 21.51 -7.78
N GLN A 65 -5.93 21.73 -9.06
CA GLN A 65 -6.46 22.98 -9.57
C GLN A 65 -7.55 22.67 -10.57
N TRP A 66 -8.48 23.58 -10.69
CA TRP A 66 -9.51 23.48 -11.72
C TRP A 66 -10.02 24.85 -12.17
N SER A 67 -10.46 24.92 -13.44
CA SER A 67 -11.16 26.10 -14.01
C SER A 67 -12.36 25.75 -14.84
N ASN A 68 -13.42 26.48 -14.54
CA ASN A 68 -14.63 26.48 -15.32
C ASN A 68 -15.12 25.12 -15.70
N VAL A 69 -15.19 24.27 -14.70
CA VAL A 69 -15.66 22.95 -14.92
C VAL A 69 -17.16 22.86 -14.87
N ASN A 70 -17.63 21.71 -15.31
CA ASN A 70 -18.96 21.26 -14.98
C ASN A 70 -18.83 20.50 -13.68
N ASN A 71 -18.21 19.30 -13.69
CA ASN A 71 -17.98 18.55 -12.43
C ASN A 71 -16.59 17.88 -12.46
N ILE A 72 -15.86 18.06 -11.37
CA ILE A 72 -14.54 17.50 -11.20
C ILE A 72 -14.35 16.94 -9.79
N LEU A 73 -13.64 15.77 -9.70
CA LEU A 73 -13.30 15.13 -8.42
C LEU A 73 -11.84 14.67 -8.46
N PHE A 74 -11.15 14.97 -7.37
CA PHE A 74 -9.79 14.61 -7.17
C PHE A 74 -9.76 13.89 -5.87
N ARG A 75 -9.14 12.71 -5.82
CA ARG A 75 -9.15 11.93 -4.59
C ARG A 75 -7.99 10.91 -4.46
N LYS A 76 -7.65 10.65 -3.20
CA LYS A 76 -6.65 9.63 -2.75
C LYS A 76 -7.19 8.89 -1.57
N GLY A 77 -7.33 7.58 -1.71
CA GLY A 77 -7.90 6.77 -0.65
C GLY A 77 -7.63 5.29 -0.86
N LYS A 78 -8.64 4.52 -0.54
CA LYS A 78 -8.63 3.10 -0.75
C LYS A 78 -9.85 2.62 -1.55
N LYS A 79 -9.62 1.89 -2.61
CA LYS A 79 -10.66 1.15 -3.32
C LYS A 79 -10.72 -0.30 -2.77
N PHE A 80 -11.89 -0.92 -2.80
CA PHE A 80 -12.10 -2.23 -2.28
C PHE A 80 -12.74 -3.09 -3.32
N ASP A 81 -12.81 -4.39 -3.06
CA ASP A 81 -13.21 -5.36 -4.08
C ASP A 81 -14.67 -5.69 -4.05
N GLU A 82 -15.46 -4.91 -3.32
CA GLU A 82 -16.92 -5.00 -3.39
C GLU A 82 -17.51 -6.26 -2.74
N THR A 83 -16.70 -6.96 -1.92
CA THR A 83 -17.18 -8.17 -1.26
C THR A 83 -17.49 -8.00 0.23
N GLN A 84 -17.15 -6.86 0.81
CA GLN A 84 -17.24 -6.67 2.27
C GLN A 84 -17.93 -5.40 2.71
N THR A 85 -18.67 -5.43 3.83
CA THR A 85 -19.23 -4.21 4.42
C THR A 85 -18.18 -3.46 5.20
N HIS A 86 -18.46 -2.22 5.58
CA HIS A 86 -17.45 -1.52 6.33
C HIS A 86 -17.12 -2.25 7.64
N GLN A 87 -18.11 -2.99 8.18
CA GLN A 87 -17.92 -3.72 9.45
C GLN A 87 -16.90 -4.75 9.20
N GLN A 88 -17.01 -5.43 8.07
CA GLN A 88 -16.14 -6.53 7.77
C GLN A 88 -14.72 -6.09 7.45
N ILE A 89 -14.55 -4.87 6.99
CA ILE A 89 -13.27 -4.39 6.61
C ILE A 89 -12.53 -3.88 7.88
N GLY A 90 -13.26 -3.26 8.77
CA GLY A 90 -12.65 -2.67 9.93
C GLY A 90 -13.02 -1.21 10.13
N ASN A 91 -12.63 -0.70 11.30
CA ASN A 91 -12.74 0.69 11.63
C ASN A 91 -12.04 1.55 10.65
N MET A 92 -12.59 2.72 10.35
CA MET A 92 -11.94 3.60 9.41
C MET A 92 -11.90 4.98 9.94
N SER A 93 -10.78 5.63 9.70
CA SER A 93 -10.59 6.97 10.19
C SER A 93 -9.60 7.65 9.28
N ILE A 94 -9.83 8.92 9.02
CA ILE A 94 -8.91 9.66 8.21
C ILE A 94 -8.43 10.90 8.98
N ASN A 95 -7.14 11.19 8.92
CA ASN A 95 -6.55 12.39 9.50
C ASN A 95 -6.04 13.17 8.36
N TYR A 96 -6.31 14.45 8.29
CA TYR A 96 -6.02 15.21 7.07
C TYR A 96 -5.77 16.68 7.39
N GLY A 97 -5.12 17.36 6.47
CA GLY A 97 -5.25 18.77 6.38
C GLY A 97 -5.09 19.28 4.98
N ALA A 98 -5.79 20.36 4.68
CA ALA A 98 -5.73 20.93 3.35
C ALA A 98 -5.76 22.45 3.40
N THR A 99 -4.97 23.05 2.52
CA THR A 99 -5.18 24.40 2.03
C THR A 99 -6.24 24.32 0.91
N TYR A 100 -7.34 25.05 1.08
CA TYR A 100 -8.57 24.86 0.29
C TYR A 100 -9.10 26.23 -0.13
N ASN A 101 -8.97 26.51 -1.43
CA ASN A 101 -9.29 27.79 -2.08
C ASN A 101 -10.21 27.60 -3.25
N PRO A 102 -11.43 27.17 -2.96
CA PRO A 102 -12.46 27.11 -3.98
C PRO A 102 -12.97 28.52 -4.38
N ASN A 103 -13.40 28.63 -5.61
CA ASN A 103 -14.06 29.83 -6.16
C ASN A 103 -15.35 29.42 -6.83
N GLY A 104 -16.35 29.15 -6.02
CA GLY A 104 -17.63 28.68 -6.50
C GLY A 104 -18.02 27.45 -5.73
N ASN A 105 -18.91 26.64 -6.29
CA ASN A 105 -19.41 25.49 -5.62
C ASN A 105 -18.26 24.38 -5.58
N SER A 106 -18.06 23.78 -4.40
CA SER A 106 -16.94 22.92 -4.12
C SER A 106 -17.10 22.24 -2.79
N TYR A 107 -16.63 20.98 -2.67
CA TYR A 107 -16.61 20.26 -1.38
C TYR A 107 -15.20 19.81 -1.06
N LEU A 108 -14.87 19.81 0.24
CA LEU A 108 -13.68 19.16 0.78
C LEU A 108 -14.29 18.12 1.65
N THR A 109 -14.11 16.84 1.29
CA THR A 109 -14.97 15.82 1.87
C THR A 109 -14.37 14.43 1.77
N VAL A 110 -14.83 13.55 2.65
CA VAL A 110 -14.63 12.17 2.45
C VAL A 110 -15.72 11.76 1.46
N TYR A 111 -15.34 10.86 0.55
CA TYR A 111 -16.22 10.41 -0.54
C TYR A 111 -16.00 8.94 -0.80
N GLY A 112 -17.04 8.29 -1.26
CA GLY A 112 -16.90 6.91 -1.68
C GLY A 112 -18.22 6.35 -2.17
N TRP A 113 -18.23 5.03 -2.30
CA TRP A 113 -19.33 4.27 -2.81
C TRP A 113 -19.54 2.94 -2.10
N THR A 114 -20.80 2.50 -1.98
CA THR A 114 -21.11 1.15 -1.79
C THR A 114 -21.86 0.59 -2.98
N VAL A 115 -21.97 -0.72 -3.03
CA VAL A 115 -22.78 -1.41 -4.00
C VAL A 115 -23.71 -2.33 -3.31
N ASP A 116 -24.82 -2.63 -3.97
CA ASP A 116 -25.88 -3.54 -3.46
C ASP A 116 -26.30 -3.22 -2.04
N PRO A 117 -26.83 -2.07 -1.78
CA PRO A 117 -27.17 -1.04 -2.82
C PRO A 117 -26.06 -0.06 -3.23
N LEU A 118 -26.27 0.48 -4.42
CA LEU A 118 -25.43 1.49 -4.99
C LEU A 118 -25.64 2.81 -4.26
N VAL A 119 -24.58 3.35 -3.65
CA VAL A 119 -24.73 4.54 -2.86
C VAL A 119 -23.47 5.33 -2.97
N GLU A 120 -23.62 6.60 -3.32
CA GLU A 120 -22.51 7.54 -3.33
C GLU A 120 -22.61 8.33 -2.00
N PHE A 121 -21.51 8.47 -1.23
CA PHE A 121 -21.58 9.03 0.11
C PHE A 121 -20.55 10.02 0.31
N TYR A 122 -20.84 10.92 1.28
CA TYR A 122 -20.02 12.09 1.50
C TYR A 122 -19.99 12.40 3.03
N ILE A 123 -18.82 12.82 3.55
CA ILE A 123 -18.70 13.40 4.85
C ILE A 123 -17.96 14.70 4.62
N VAL A 124 -18.73 15.80 4.58
CA VAL A 124 -18.22 17.07 4.14
C VAL A 124 -17.76 17.91 5.33
N ASP A 125 -16.53 18.42 5.29
CA ASP A 125 -16.00 19.24 6.33
C ASP A 125 -15.97 20.68 5.89
N SER A 126 -15.73 20.96 4.60
CA SER A 126 -15.81 22.33 4.08
C SER A 126 -16.37 22.35 2.66
N TRP A 127 -16.65 23.55 2.17
CA TRP A 127 -17.33 23.76 0.92
C TRP A 127 -17.00 25.17 0.43
N GLY A 128 -17.45 25.53 -0.77
CA GLY A 128 -17.11 26.83 -1.36
C GLY A 128 -18.36 27.73 -1.08
N THR A 129 -19.11 28.11 -2.11
CA THR A 129 -20.20 29.08 -1.98
C THR A 129 -21.49 28.50 -1.45
N TRP A 130 -21.64 27.20 -1.45
CA TRP A 130 -22.88 26.55 -1.10
C TRP A 130 -22.65 25.34 -0.25
N ARG A 131 -23.40 25.28 0.84
CA ARG A 131 -23.27 24.25 1.81
C ARG A 131 -24.24 23.18 1.37
N PRO A 132 -23.76 21.96 1.12
CA PRO A 132 -24.64 20.91 0.59
C PRO A 132 -25.43 20.28 1.68
N PRO A 133 -26.41 19.48 1.36
CA PRO A 133 -26.85 19.17 -0.01
C PRO A 133 -28.25 19.62 -0.35
N GLY A 134 -28.85 20.46 0.51
CA GLY A 134 -30.25 20.83 0.35
C GLY A 134 -31.14 19.80 1.00
N GLY A 135 -32.38 20.23 1.30
CA GLY A 135 -33.45 19.35 1.77
C GLY A 135 -33.41 19.39 3.28
N THR A 136 -34.00 18.39 3.86
CA THR A 136 -34.27 18.30 5.28
C THR A 136 -33.44 17.21 5.98
N PRO A 137 -32.66 17.63 6.99
CA PRO A 137 -31.87 16.71 7.76
C PRO A 137 -32.73 15.58 8.29
N LYS A 138 -32.12 14.41 8.31
CA LYS A 138 -32.70 13.23 8.88
C LYS A 138 -32.21 13.05 10.31
N GLY A 139 -31.22 13.82 10.71
CA GLY A 139 -30.52 13.57 11.96
C GLY A 139 -29.28 14.43 12.08
N THR A 140 -28.65 14.36 13.25
CA THR A 140 -27.32 14.91 13.47
C THR A 140 -26.40 13.89 14.13
N ILE A 141 -25.11 14.23 14.13
CA ILE A 141 -24.06 13.48 14.83
C ILE A 141 -23.02 14.48 15.28
N ASN A 142 -22.67 14.44 16.57
CA ASN A 142 -21.53 15.21 17.10
C ASN A 142 -20.36 14.23 17.21
N VAL A 143 -19.23 14.61 16.63
CA VAL A 143 -18.11 13.71 16.49
C VAL A 143 -16.97 14.55 16.02
N ASP A 144 -15.74 14.18 16.40
CA ASP A 144 -14.55 14.89 15.98
C ASP A 144 -14.61 16.36 16.30
N GLY A 145 -15.31 16.68 17.40
CA GLY A 145 -15.30 18.03 17.94
C GLY A 145 -16.26 18.91 17.15
N GLY A 146 -17.10 18.29 16.32
CA GLY A 146 -17.92 19.03 15.36
C GLY A 146 -19.32 18.55 15.39
N THR A 147 -20.19 19.28 14.73
CA THR A 147 -21.55 18.73 14.54
C THR A 147 -21.84 18.60 13.06
N TYR A 148 -22.56 17.56 12.70
CA TYR A 148 -22.84 17.29 11.32
C TYR A 148 -24.31 17.00 11.22
N GLN A 149 -24.94 17.60 10.22
CA GLN A 149 -26.29 17.16 9.81
C GLN A 149 -26.18 16.10 8.70
N ILE A 150 -27.14 15.20 8.75
CA ILE A 150 -27.16 14.01 7.95
C ILE A 150 -28.34 14.12 7.00
N TYR A 151 -28.10 13.79 5.73
CA TYR A 151 -29.10 13.87 4.69
C TYR A 151 -29.04 12.65 3.74
N GLU A 152 -30.16 12.38 3.09
CA GLU A 152 -30.28 11.34 2.05
C GLU A 152 -30.96 11.98 0.81
N THR A 153 -30.24 12.05 -0.34
CA THR A 153 -30.73 12.58 -1.61
C THR A 153 -30.72 11.49 -2.69
N THR A 154 -31.21 11.84 -3.88
CA THR A 154 -31.31 10.90 -5.02
C THR A 154 -30.70 11.54 -6.23
N ARG A 155 -29.84 10.81 -6.96
CA ARG A 155 -29.31 11.30 -8.24
C ARG A 155 -30.01 10.49 -9.31
N TYR A 156 -30.49 11.15 -10.38
CA TYR A 156 -31.29 10.45 -11.46
C TYR A 156 -30.49 10.49 -12.76
N ASN A 157 -30.26 9.33 -13.34
CA ASN A 157 -29.45 9.17 -14.56
C ASN A 157 -28.17 9.90 -14.53
N GLN A 158 -27.34 9.68 -13.50
CA GLN A 158 -26.08 10.36 -13.46
C GLN A 158 -24.94 9.34 -13.53
N PRO A 159 -23.76 9.84 -13.75
CA PRO A 159 -22.58 8.97 -13.81
C PRO A 159 -22.32 8.28 -12.49
N SER A 160 -21.95 7.00 -12.57
CA SER A 160 -21.58 6.25 -11.38
C SER A 160 -20.58 5.19 -11.73
N ILE A 161 -20.11 4.49 -10.70
CA ILE A 161 -19.26 3.31 -10.91
C ILE A 161 -19.97 2.21 -11.63
N LYS A 162 -21.30 2.21 -11.71
CA LYS A 162 -22.02 1.25 -12.52
C LYS A 162 -22.64 1.82 -13.81
N GLY A 163 -22.00 2.84 -14.38
CA GLY A 163 -22.56 3.51 -15.52
C GLY A 163 -23.59 4.59 -15.14
N THR A 164 -24.28 5.08 -16.15
CA THR A 164 -25.34 6.04 -15.91
C THR A 164 -26.46 5.34 -15.15
N ALA A 165 -26.78 5.84 -13.97
CA ALA A 165 -27.69 5.18 -13.08
C ALA A 165 -28.46 6.13 -12.18
N THR A 166 -29.41 5.56 -11.49
CA THR A 166 -30.20 6.34 -10.54
C THR A 166 -29.87 5.79 -9.20
N PHE A 167 -29.41 6.61 -8.27
CA PHE A 167 -29.02 6.03 -6.97
C PHE A 167 -29.15 7.01 -5.80
N GLN A 168 -29.12 6.51 -4.57
CA GLN A 168 -29.04 7.37 -3.34
C GLN A 168 -27.67 7.90 -3.06
N GLN A 169 -27.65 9.08 -2.47
CA GLN A 169 -26.50 9.65 -1.83
C GLN A 169 -26.78 9.84 -0.32
N TYR A 170 -25.79 9.50 0.53
CA TYR A 170 -25.87 9.66 2.00
C TYR A 170 -24.83 10.71 2.33
N TRP A 171 -25.18 11.65 3.22
CA TRP A 171 -24.34 12.77 3.54
C TRP A 171 -24.29 13.05 5.05
N SER A 172 -23.11 13.42 5.53
CA SER A 172 -22.92 14.09 6.79
C SER A 172 -22.28 15.37 6.35
N VAL A 173 -22.80 16.52 6.82
CA VAL A 173 -22.25 17.82 6.44
C VAL A 173 -22.02 18.65 7.71
N ARG A 174 -20.81 19.11 7.90
CA ARG A 174 -20.45 19.82 9.10
C ARG A 174 -21.21 21.18 9.12
N THR A 175 -21.62 21.62 10.34
CA THR A 175 -22.44 22.85 10.46
C THR A 175 -21.64 24.07 10.22
N SER A 176 -20.33 23.97 10.37
CA SER A 176 -19.45 24.98 9.83
C SER A 176 -18.15 24.36 9.32
N LYS A 177 -17.40 25.18 8.60
CA LYS A 177 -16.28 24.77 7.84
C LYS A 177 -15.03 24.48 8.67
N ARG A 178 -14.32 23.43 8.23
CA ARG A 178 -13.07 22.96 8.81
C ARG A 178 -12.19 22.36 7.69
N THR A 179 -10.89 22.62 7.70
CA THR A 179 -9.99 22.13 6.68
C THR A 179 -8.81 21.29 7.25
N SER A 180 -8.96 20.81 8.47
CA SER A 180 -8.00 19.83 9.04
C SER A 180 -8.56 19.20 10.28
N GLY A 181 -7.98 18.05 10.63
CA GLY A 181 -8.48 17.26 11.76
C GLY A 181 -8.66 15.79 11.41
N THR A 182 -9.52 15.15 12.17
CA THR A 182 -9.78 13.74 12.06
C THR A 182 -11.25 13.52 11.79
N ILE A 183 -11.53 12.64 10.82
CA ILE A 183 -12.88 12.24 10.52
C ILE A 183 -13.03 10.79 10.83
N SER A 184 -13.89 10.50 11.79
CA SER A 184 -14.10 9.17 12.25
C SER A 184 -15.17 8.58 11.34
N VAL A 185 -14.68 8.11 10.19
CA VAL A 185 -15.58 7.64 9.13
C VAL A 185 -16.60 6.62 9.61
N SER A 186 -16.12 5.64 10.34
CA SER A 186 -17.01 4.56 10.76
C SER A 186 -18.14 5.05 11.68
N GLU A 187 -17.94 6.11 12.43
CA GLU A 187 -18.99 6.61 13.32
C GLU A 187 -20.11 7.26 12.44
N HIS A 188 -19.71 7.98 11.40
CA HIS A 188 -20.70 8.50 10.47
C HIS A 188 -21.47 7.35 9.83
N PHE A 189 -20.78 6.28 9.45
CA PHE A 189 -21.46 5.21 8.74
C PHE A 189 -22.51 4.63 9.70
N ARG A 190 -22.13 4.42 10.97
CA ARG A 190 -23.11 3.84 11.94
C ARG A 190 -24.26 4.78 12.20
N ALA A 191 -23.98 6.08 12.20
CA ALA A 191 -25.06 7.04 12.37
C ALA A 191 -26.05 6.90 11.18
N TRP A 192 -25.51 6.85 9.96
CA TRP A 192 -26.38 6.69 8.80
C TRP A 192 -27.20 5.43 8.91
N GLU A 193 -26.58 4.34 9.27
CA GLU A 193 -27.32 3.10 9.27
C GLU A 193 -28.37 3.08 10.41
N SER A 194 -28.06 3.71 11.54
CA SER A 194 -29.02 3.80 12.65
C SER A 194 -30.21 4.61 12.23
N LEU A 195 -30.07 5.53 11.26
CA LEU A 195 -31.21 6.22 10.67
C LEU A 195 -31.88 5.49 9.51
N GLY A 196 -31.66 4.20 9.31
CA GLY A 196 -32.26 3.48 8.18
C GLY A 196 -31.62 3.68 6.77
N MET A 197 -30.52 4.43 6.69
CA MET A 197 -29.73 4.59 5.47
C MET A 197 -28.78 3.37 5.35
N ASN A 198 -29.23 2.30 4.71
CA ASN A 198 -28.39 1.12 4.66
C ASN A 198 -27.32 1.18 3.56
N MET A 199 -26.19 0.58 3.92
CA MET A 199 -24.97 0.63 3.18
C MET A 199 -24.75 -0.73 2.61
N GLY A 200 -24.21 -0.83 1.38
CA GLY A 200 -23.87 -2.13 0.74
C GLY A 200 -22.40 -2.45 1.00
N ASN A 201 -21.82 -3.37 0.23
CA ASN A 201 -20.40 -3.66 0.30
C ASN A 201 -19.63 -2.45 -0.19
N MET A 202 -18.49 -2.18 0.44
CA MET A 202 -17.70 -1.02 0.17
C MET A 202 -16.99 -1.12 -1.19
N TYR A 203 -16.98 -0.01 -1.93
CA TYR A 203 -16.16 0.09 -3.13
C TYR A 203 -15.03 1.06 -2.89
N GLU A 204 -15.20 2.08 -2.07
CA GLU A 204 -14.21 3.13 -1.94
C GLU A 204 -14.44 4.03 -0.72
N VAL A 205 -13.33 4.48 -0.10
CA VAL A 205 -13.33 5.60 0.84
C VAL A 205 -12.11 6.45 0.55
N ALA A 206 -12.29 7.77 0.44
CA ALA A 206 -11.21 8.65 0.03
C ALA A 206 -11.46 10.12 0.37
N LEU A 207 -10.39 10.77 0.78
CA LEU A 207 -10.38 12.17 0.88
C LEU A 207 -10.40 12.77 -0.51
N THR A 208 -11.33 13.70 -0.68
CA THR A 208 -11.73 14.22 -2.00
C THR A 208 -11.92 15.76 -2.06
N VAL A 209 -11.53 16.38 -3.17
CA VAL A 209 -11.87 17.72 -3.49
C VAL A 209 -12.76 17.62 -4.74
N GLU A 210 -14.01 18.05 -4.59
CA GLU A 210 -14.98 18.16 -5.67
C GLU A 210 -15.23 19.66 -6.05
N GLY A 211 -15.26 19.93 -7.35
CA GLY A 211 -15.83 21.15 -7.89
C GLY A 211 -17.05 20.94 -8.78
N TYR A 212 -17.96 21.94 -8.76
CA TYR A 212 -19.18 21.99 -9.57
C TYR A 212 -19.39 23.44 -10.11
N GLN A 213 -19.35 23.59 -11.44
CA GLN A 213 -19.65 24.87 -12.10
C GLN A 213 -18.80 25.96 -11.45
N SER A 214 -17.51 25.66 -11.31
CA SER A 214 -16.61 26.49 -10.52
C SER A 214 -15.18 26.36 -10.92
N SER A 215 -14.34 27.15 -10.26
CA SER A 215 -12.88 27.12 -10.38
C SER A 215 -12.30 26.95 -8.99
N GLY A 216 -11.00 26.69 -8.89
CA GLY A 216 -10.43 26.53 -7.57
C GLY A 216 -9.06 25.93 -7.54
N SER A 217 -8.55 25.86 -6.33
CA SER A 217 -7.33 25.11 -6.03
C SER A 217 -7.37 24.59 -4.60
N ALA A 218 -6.50 23.61 -4.36
CA ALA A 218 -6.37 22.97 -3.05
C ALA A 218 -5.05 22.22 -3.00
N ASN A 219 -4.49 22.21 -1.80
CA ASN A 219 -3.31 21.43 -1.51
C ASN A 219 -3.63 20.55 -0.30
N VAL A 220 -3.77 19.23 -0.54
CA VAL A 220 -4.00 18.28 0.56
C VAL A 220 -2.62 17.86 1.02
N TYR A 221 -2.12 18.53 2.08
CA TYR A 221 -0.74 18.39 2.54
C TYR A 221 -0.62 17.28 3.55
N SER A 222 -1.76 16.78 4.00
CA SER A 222 -1.79 15.64 4.87
C SER A 222 -3.09 14.88 4.64
N ASN A 223 -2.98 13.55 4.63
CA ASN A 223 -4.10 12.69 4.35
C ASN A 223 -3.69 11.25 4.64
N THR A 224 -4.13 10.74 5.79
CA THR A 224 -3.80 9.41 6.25
C THR A 224 -5.04 8.69 6.60
N LEU A 225 -5.27 7.57 5.91
CA LEU A 225 -6.40 6.74 6.08
C LEU A 225 -5.94 5.55 6.85
N THR A 226 -6.59 5.31 7.97
CA THR A 226 -6.26 4.24 8.86
C THR A 226 -7.42 3.27 8.92
N ILE A 227 -7.12 2.03 8.60
CA ILE A 227 -8.12 0.95 8.75
C ILE A 227 -7.72 -0.04 9.85
N GLY A 228 -8.61 -0.36 10.80
CA GLY A 228 -8.33 -1.26 11.92
C GLY A 228 -7.83 -0.57 13.19
N GLY A 229 -7.76 0.75 13.20
CA GLY A 229 -7.38 1.44 14.41
C GLY A 229 -8.33 1.19 15.57
N GLN A 230 -7.87 1.49 16.78
CA GLN A 230 -8.67 1.22 17.97
C GLN A 230 -9.98 1.97 17.92
N SER A 231 -11.04 1.32 18.40
CA SER A 231 -12.36 1.95 18.59
C SER A 231 -12.95 1.46 19.92
N GLY A 232 -13.02 2.35 20.90
CA GLY A 232 -13.73 2.09 22.14
C GLY A 232 -13.19 0.96 23.02
N GLY A 233 -12.01 1.18 23.62
CA GLY A 233 -11.41 0.26 24.59
C GLY A 233 -11.64 -1.23 24.30
N GLU A 234 -11.26 -1.65 23.08
CA GLU A 234 -11.16 -3.10 22.73
C GLU A 234 -9.95 -3.62 23.52
N GLN A 235 -10.02 -4.86 23.97
CA GLN A 235 -8.95 -5.34 24.85
C GLN A 235 -8.02 -6.34 24.16
N ALA A 236 -6.74 -6.31 24.53
CA ALA A 236 -5.80 -7.40 24.21
C ALA A 236 -6.30 -8.72 24.79
N THR A 237 -6.27 -9.80 24.03
CA THR A 237 -6.42 -11.14 24.61
C THR A 237 -5.05 -11.83 24.77
N ARG A 238 -4.74 -12.35 25.95
CA ARG A 238 -3.52 -13.11 26.18
C ARG A 238 -3.83 -14.53 26.35
N VAL A 239 -3.19 -15.42 25.59
CA VAL A 239 -3.37 -16.84 25.70
C VAL A 239 -1.99 -17.50 26.06
N GLU A 240 -1.94 -18.21 27.18
CA GLU A 240 -0.76 -18.84 27.70
C GLU A 240 -0.46 -20.02 26.85
N ALA A 241 0.79 -20.16 26.44
CA ALA A 241 1.13 -21.23 25.51
C ALA A 241 0.83 -22.59 26.12
N GLU A 242 1.02 -22.68 27.43
CA GLU A 242 0.80 -23.96 28.10
C GLU A 242 -0.70 -24.41 28.19
N SER A 243 -1.64 -23.53 27.81
CA SER A 243 -3.06 -23.85 27.87
C SER A 243 -3.53 -24.21 26.47
N MET A 244 -2.64 -24.09 25.48
CA MET A 244 -2.97 -24.38 24.12
C MET A 244 -3.00 -25.87 23.84
N THR A 245 -3.60 -26.27 22.74
CA THR A 245 -3.49 -27.64 22.35
C THR A 245 -2.07 -27.98 21.77
N LYS A 246 -1.41 -28.98 22.34
CA LYS A 246 -0.11 -29.44 21.83
C LYS A 246 -0.22 -30.40 20.69
N GLY A 247 0.66 -30.21 19.73
CA GLY A 247 0.83 -31.12 18.63
C GLY A 247 2.30 -31.33 18.24
N GLY A 248 2.49 -32.27 17.35
CA GLY A 248 3.77 -32.83 16.97
C GLY A 248 4.44 -33.78 17.93
N PRO A 249 5.61 -34.25 17.50
CA PRO A 249 6.31 -35.32 18.23
C PRO A 249 6.83 -34.98 19.58
N TYR A 250 7.22 -33.76 19.92
CA TYR A 250 7.86 -33.58 21.23
C TYR A 250 7.36 -32.45 22.07
N THR A 251 6.45 -31.63 21.52
CA THR A 251 6.03 -30.46 22.26
C THR A 251 5.85 -30.75 23.70
N SER A 252 6.29 -29.86 24.55
CA SER A 252 6.14 -30.16 25.95
C SER A 252 6.19 -28.91 26.79
N ASN A 253 5.68 -28.94 28.01
CA ASN A 253 5.72 -27.78 28.88
C ASN A 253 7.11 -27.52 29.44
N ILE A 254 7.40 -26.26 29.83
CA ILE A 254 8.64 -25.87 30.44
C ILE A 254 8.34 -24.88 31.52
N THR A 255 9.28 -24.67 32.45
CA THR A 255 9.15 -23.65 33.48
C THR A 255 10.29 -22.70 33.48
N SER A 256 11.31 -22.94 32.64
CA SER A 256 12.40 -21.97 32.47
C SER A 256 12.67 -21.82 30.99
N PRO A 257 12.90 -20.64 30.49
CA PRO A 257 12.96 -19.35 31.21
C PRO A 257 11.62 -18.72 31.58
N PHE A 258 10.52 -19.41 31.29
CA PHE A 258 9.23 -18.95 31.80
C PHE A 258 8.39 -20.16 31.80
N ASN A 259 7.18 -20.03 32.32
CA ASN A 259 6.16 -21.13 32.13
C ASN A 259 5.63 -21.11 30.75
N GLY A 260 5.65 -22.23 30.03
CA GLY A 260 5.29 -22.17 28.66
C GLY A 260 5.53 -23.50 28.07
N VAL A 261 5.85 -23.52 26.78
CA VAL A 261 6.09 -24.76 26.09
C VAL A 261 7.39 -24.60 25.27
N ALA A 262 7.94 -25.73 24.88
CA ALA A 262 9.03 -25.82 23.99
C ALA A 262 8.60 -26.56 22.77
N LEU A 263 9.00 -26.07 21.61
CA LEU A 263 8.81 -26.75 20.37
C LEU A 263 10.24 -27.14 19.86
N TYR A 264 10.45 -28.44 19.55
CA TYR A 264 11.77 -29.02 19.37
C TYR A 264 12.02 -29.44 17.99
N ALA A 265 10.99 -29.92 17.27
CA ALA A 265 11.20 -30.50 15.94
C ALA A 265 10.14 -30.02 14.99
N ASN A 266 10.36 -30.19 13.73
CA ASN A 266 9.43 -29.70 12.74
C ASN A 266 8.08 -30.41 12.97
N GLY A 267 6.99 -29.62 13.02
CA GLY A 267 5.64 -30.14 13.23
C GLY A 267 5.22 -29.91 14.64
N ASP A 268 6.16 -29.66 15.55
CA ASP A 268 5.82 -29.27 16.89
C ASP A 268 5.10 -27.93 16.82
N ASN A 269 3.97 -27.84 17.52
CA ASN A 269 3.13 -26.65 17.47
C ASN A 269 2.23 -26.59 18.64
N VAL A 270 1.69 -25.40 18.90
CA VAL A 270 0.61 -25.23 19.86
C VAL A 270 -0.48 -24.44 19.07
N SER A 271 -1.76 -24.74 19.35
CA SER A 271 -2.87 -24.18 18.57
C SER A 271 -4.12 -23.99 19.44
N PHE A 272 -4.97 -23.05 19.03
CA PHE A 272 -6.21 -22.79 19.70
C PHE A 272 -7.12 -22.04 18.69
N ASN A 273 -8.41 -22.36 18.72
CA ASN A 273 -9.40 -21.50 18.02
C ASN A 273 -9.42 -20.19 18.72
N HIS A 274 -9.50 -19.13 17.96
CA HIS A 274 -9.76 -17.84 18.58
C HIS A 274 -10.97 -17.21 17.84
N SER A 275 -11.73 -16.51 18.64
CA SER A 275 -12.92 -15.87 18.14
C SER A 275 -12.57 -14.45 17.75
N PHE A 276 -12.31 -14.22 16.46
CA PHE A 276 -11.95 -12.88 15.98
C PHE A 276 -13.25 -12.07 15.77
N THR A 277 -13.39 -10.99 16.54
CA THR A 277 -14.56 -10.13 16.44
C THR A 277 -14.33 -8.92 15.59
N LYS A 278 -13.09 -8.69 15.14
CA LYS A 278 -12.81 -7.69 14.12
C LYS A 278 -11.91 -8.33 13.09
N ALA A 279 -11.63 -7.65 12.00
CA ALA A 279 -11.02 -8.37 10.87
C ALA A 279 -9.47 -8.39 10.84
N ASN A 280 -8.88 -7.50 11.60
CA ASN A 280 -7.44 -7.29 11.63
C ASN A 280 -6.96 -7.36 13.02
N SER A 281 -5.76 -7.94 13.17
CA SER A 281 -5.05 -8.08 14.45
C SER A 281 -3.50 -7.90 14.37
N SER A 282 -2.90 -7.56 15.50
CA SER A 282 -1.47 -7.77 15.78
C SER A 282 -1.35 -8.97 16.65
N PHE A 283 -0.30 -9.75 16.41
CA PHE A 283 0.04 -10.91 17.21
C PHE A 283 1.45 -10.75 17.85
N SER A 284 1.50 -10.78 19.18
CA SER A 284 2.70 -10.49 19.97
C SER A 284 2.99 -11.78 20.72
N LEU A 285 4.03 -12.50 20.26
CA LEU A 285 4.44 -13.73 20.89
C LEU A 285 5.72 -13.50 21.78
N ARG A 286 5.56 -13.82 23.05
CA ARG A 286 6.69 -13.74 23.98
C ARG A 286 7.32 -15.09 23.98
N GLY A 287 8.60 -15.09 23.56
CA GLY A 287 9.37 -16.32 23.46
C GLY A 287 10.88 -16.13 23.53
N ALA A 288 11.59 -17.18 23.18
CA ALA A 288 13.06 -17.14 23.13
C ALA A 288 13.57 -18.32 22.38
N SER A 289 14.80 -18.25 21.87
CA SER A 289 15.54 -19.42 21.48
C SER A 289 16.02 -20.14 22.74
N ASN A 290 16.34 -21.40 22.67
CA ASN A 290 17.10 -22.00 23.78
C ASN A 290 18.59 -21.54 23.86
N ASN A 291 19.09 -20.92 22.79
CA ASN A 291 20.49 -20.56 22.69
C ASN A 291 20.72 -19.32 21.86
N SER A 292 21.96 -19.15 21.39
CA SER A 292 22.30 -17.94 20.67
C SER A 292 21.92 -18.07 19.21
N ASN A 293 21.49 -19.24 18.75
CA ASN A 293 20.92 -19.33 17.42
C ASN A 293 19.44 -18.82 17.33
N MET A 294 19.11 -18.32 16.16
CA MET A 294 17.81 -17.71 15.87
C MET A 294 16.73 -18.81 15.71
N ALA A 295 15.74 -18.75 16.60
CA ALA A 295 14.54 -19.59 16.52
C ALA A 295 13.45 -18.87 15.73
N ARG A 296 12.78 -19.64 14.89
CA ARG A 296 11.69 -19.11 14.04
C ARG A 296 10.44 -19.99 14.31
N VAL A 297 9.32 -19.32 14.52
CA VAL A 297 8.00 -19.97 14.75
C VAL A 297 6.98 -19.36 13.77
N ASP A 298 6.37 -20.22 12.98
CA ASP A 298 5.41 -19.76 11.99
C ASP A 298 4.00 -19.51 12.63
N LEU A 299 3.38 -18.40 12.25
CA LEU A 299 1.99 -18.14 12.58
C LEU A 299 1.10 -18.68 11.44
N ARG A 300 0.14 -19.51 11.80
CA ARG A 300 -0.93 -19.92 10.88
C ARG A 300 -2.31 -19.54 11.43
N ILE A 301 -3.13 -18.97 10.57
CA ILE A 301 -4.52 -18.64 10.86
C ILE A 301 -5.42 -19.24 9.78
N GLY A 302 -6.32 -20.09 10.28
CA GLY A 302 -7.30 -20.75 9.46
C GLY A 302 -6.66 -21.64 8.45
N GLY A 303 -5.63 -22.37 8.86
CA GLY A 303 -4.84 -23.15 7.94
C GLY A 303 -3.94 -22.41 6.99
N GLN A 304 -3.86 -21.10 7.01
CA GLN A 304 -2.91 -20.41 6.12
C GLN A 304 -1.72 -19.76 6.93
N ASN A 305 -0.54 -19.75 6.29
CA ASN A 305 0.68 -19.15 6.81
C ASN A 305 0.52 -17.70 6.79
N ARG A 306 0.63 -17.05 7.92
CA ARG A 306 0.49 -15.62 7.93
C ARG A 306 1.76 -14.85 8.32
N GLY A 307 2.81 -15.57 8.70
CA GLY A 307 4.05 -14.86 9.03
C GLY A 307 4.97 -15.70 9.92
N THR A 308 6.10 -15.12 10.35
CA THR A 308 7.10 -15.88 11.14
C THR A 308 7.60 -15.00 12.23
N PHE A 309 7.57 -15.53 13.45
CA PHE A 309 8.10 -14.84 14.61
C PHE A 309 9.62 -15.25 14.72
N TYR A 310 10.48 -14.28 14.94
CA TYR A 310 11.94 -14.50 15.11
C TYR A 310 12.37 -14.22 16.56
N PHE A 311 13.10 -15.15 17.13
CA PHE A 311 13.68 -15.03 18.46
C PHE A 311 15.16 -15.24 18.26
N GLY A 312 15.88 -14.13 18.32
CA GLY A 312 17.27 -14.07 17.93
C GLY A 312 18.23 -14.67 18.96
N ASP A 313 17.80 -14.78 20.20
CA ASP A 313 18.65 -15.27 21.29
C ASP A 313 17.84 -15.86 22.42
N GLN A 314 18.55 -16.17 23.51
CA GLN A 314 18.13 -17.03 24.61
C GLN A 314 17.34 -16.21 25.66
N TYR A 315 17.23 -14.94 25.41
CA TYR A 315 16.53 -14.06 26.34
C TYR A 315 15.06 -13.76 25.88
N PRO A 316 14.14 -13.93 26.81
CA PRO A 316 12.71 -13.68 26.52
C PRO A 316 12.54 -12.35 25.84
N ALA A 317 11.82 -12.43 24.71
CA ALA A 317 11.50 -11.23 23.95
C ALA A 317 10.03 -11.31 23.43
N VAL A 318 9.47 -10.17 23.08
CA VAL A 318 8.11 -10.13 22.49
C VAL A 318 8.26 -9.74 21.05
N TYR A 319 8.01 -10.70 20.12
CA TYR A 319 8.03 -10.44 18.69
C TYR A 319 6.56 -10.20 18.22
N THR A 320 6.32 -9.03 17.65
CA THR A 320 5.04 -8.69 17.09
C THR A 320 4.93 -8.77 15.52
N ILE A 321 3.95 -9.49 15.01
CA ILE A 321 3.53 -9.41 13.58
C ILE A 321 2.25 -8.61 13.57
N ASN A 322 2.33 -7.42 13.00
CA ASN A 322 1.21 -6.51 13.02
C ASN A 322 0.40 -6.56 11.68
N ASN A 323 -0.79 -5.93 11.63
CA ASN A 323 -1.49 -5.70 10.35
C ASN A 323 -1.80 -6.98 9.58
N ILE A 324 -2.30 -7.95 10.31
CA ILE A 324 -2.72 -9.20 9.72
C ILE A 324 -4.29 -9.12 9.51
N ASN A 325 -4.72 -9.19 8.28
CA ASN A 325 -6.18 -9.14 7.90
C ASN A 325 -6.63 -10.57 7.78
N HIS A 326 -7.33 -11.12 8.80
CA HIS A 326 -7.79 -12.55 8.81
C HIS A 326 -9.32 -12.59 8.56
N GLY A 327 -10.04 -11.50 8.71
CA GLY A 327 -11.50 -11.62 8.68
C GLY A 327 -12.12 -12.05 10.03
N ILE A 328 -13.36 -11.60 10.24
CA ILE A 328 -14.13 -11.84 11.46
C ILE A 328 -14.43 -13.34 11.45
N GLY A 329 -14.36 -14.02 12.57
CA GLY A 329 -14.79 -15.42 12.63
C GLY A 329 -13.94 -16.22 13.61
N ASN A 330 -14.39 -17.43 13.91
CA ASN A 330 -13.72 -18.34 14.77
C ASN A 330 -12.73 -19.06 13.89
N GLN A 331 -11.41 -18.82 14.14
CA GLN A 331 -10.35 -19.38 13.26
C GLN A 331 -9.25 -19.95 14.09
N LEU A 332 -8.71 -21.06 13.62
CA LEU A 332 -7.61 -21.77 14.26
C LEU A 332 -6.31 -20.94 14.15
N VAL A 333 -5.74 -20.61 15.30
CA VAL A 333 -4.40 -19.99 15.39
C VAL A 333 -3.44 -21.12 15.73
N GLU A 334 -2.41 -21.24 14.89
CA GLU A 334 -1.32 -22.19 15.17
C GLU A 334 0.06 -21.46 15.23
N LEU A 335 0.89 -21.94 16.12
CA LEU A 335 2.30 -21.49 16.32
C LEU A 335 3.15 -22.74 16.10
N ILE A 336 3.86 -22.79 14.99
CA ILE A 336 4.46 -24.04 14.59
C ILE A 336 5.93 -23.90 14.07
N VAL A 337 6.75 -24.86 14.45
CA VAL A 337 8.12 -24.96 13.96
C VAL A 337 8.18 -25.74 12.68
N THR A 338 8.68 -25.13 11.61
CA THR A 338 8.90 -25.81 10.38
C THR A 338 10.37 -25.77 9.88
N ALA A 339 11.26 -24.98 10.49
CA ALA A 339 12.63 -24.83 9.97
C ALA A 339 13.69 -25.36 10.96
N ASP A 340 13.33 -26.30 11.79
CA ASP A 340 14.29 -26.84 12.75
C ASP A 340 15.37 -27.66 11.98
N ASP A 341 16.63 -27.62 12.46
CA ASP A 341 17.65 -28.54 11.95
C ASP A 341 18.54 -29.12 13.07
N GLY A 342 17.99 -29.21 14.27
CA GLY A 342 18.76 -29.57 15.42
C GLY A 342 19.69 -28.53 16.03
N THR A 343 19.69 -27.28 15.63
CA THR A 343 20.54 -26.28 16.26
C THR A 343 19.92 -25.33 17.26
N TRP A 344 18.61 -25.42 17.45
CA TRP A 344 17.89 -24.60 18.40
C TRP A 344 16.51 -25.23 18.64
N ASP A 345 15.89 -24.84 19.74
CA ASP A 345 14.50 -25.07 20.07
C ASP A 345 13.83 -23.73 20.30
N ALA A 346 12.50 -23.65 20.16
CA ALA A 346 11.72 -22.44 20.43
C ALA A 346 10.98 -22.57 21.76
N TYR A 347 11.14 -21.58 22.62
CA TYR A 347 10.45 -21.54 23.87
C TYR A 347 9.34 -20.43 23.75
N LEU A 348 8.11 -20.78 24.11
CA LEU A 348 6.92 -19.87 23.97
C LEU A 348 6.27 -19.67 25.30
N ASP A 349 6.12 -18.42 25.68
CA ASP A 349 5.48 -18.09 26.92
C ASP A 349 3.95 -17.86 26.67
N TYR A 350 3.60 -16.83 25.93
CA TYR A 350 2.19 -16.58 25.61
C TYR A 350 2.09 -15.91 24.27
N LEU A 351 0.88 -15.92 23.70
CA LEU A 351 0.52 -15.12 22.54
C LEU A 351 -0.55 -14.12 22.91
N GLU A 352 -0.36 -12.89 22.49
CA GLU A 352 -1.32 -11.84 22.69
C GLU A 352 -1.86 -11.34 21.36
N ILE A 353 -3.19 -11.27 21.25
CA ILE A 353 -3.93 -10.74 20.06
C ILE A 353 -4.60 -9.46 20.42
N ARG A 354 -4.47 -8.41 19.61
CA ARG A 354 -5.03 -7.05 19.82
C ARG A 354 -5.91 -6.33 18.65
N ALA B 28 4.77 4.21 20.60
CA ALA B 28 6.09 3.97 19.92
C ALA B 28 6.38 2.49 19.99
N ILE B 29 7.11 2.00 18.98
CA ILE B 29 7.58 0.63 18.96
C ILE B 29 8.95 0.51 19.66
N THR B 30 9.03 -0.43 20.61
CA THR B 30 10.24 -0.62 21.41
C THR B 30 10.68 -2.08 21.47
N SER B 31 10.00 -2.97 20.72
CA SER B 31 10.39 -4.35 20.61
C SER B 31 10.27 -4.79 19.15
N ASN B 32 10.95 -5.87 18.83
CA ASN B 32 11.00 -6.37 17.48
C ASN B 32 9.54 -6.55 16.95
N GLU B 33 9.32 -6.04 15.76
CA GLU B 33 8.01 -5.98 15.12
C GLU B 33 8.16 -5.79 13.64
N ILE B 34 7.26 -6.42 12.91
CA ILE B 34 7.09 -6.16 11.50
C ILE B 34 5.59 -5.82 11.25
N GLY B 35 5.35 -5.07 10.21
CA GLY B 35 4.00 -4.75 9.76
C GLY B 35 4.05 -3.88 8.53
N THR B 36 2.89 -3.30 8.27
CA THR B 36 2.69 -2.41 7.09
C THR B 36 1.96 -1.19 7.61
N HIS B 37 2.56 -0.03 7.41
CA HIS B 37 2.12 1.19 8.03
C HIS B 37 2.03 2.22 6.90
N ASP B 38 0.81 2.68 6.63
CA ASP B 38 0.55 3.60 5.47
C ASP B 38 1.16 3.15 4.20
N GLY B 39 1.03 1.85 3.94
CA GLY B 39 1.52 1.32 2.68
C GLY B 39 2.97 0.90 2.71
N TYR B 40 3.72 1.22 3.75
CA TYR B 40 5.14 0.86 3.77
C TYR B 40 5.37 -0.34 4.70
N ASP B 41 6.06 -1.34 4.23
CA ASP B 41 6.53 -2.43 5.12
C ASP B 41 7.64 -1.93 6.06
N TYR B 42 7.33 -1.94 7.34
CA TYR B 42 8.22 -1.50 8.38
C TYR B 42 8.73 -2.68 9.24
N GLU B 43 9.87 -2.44 9.86
CA GLU B 43 10.49 -3.41 10.77
C GLU B 43 11.39 -2.70 11.75
N PHE B 44 11.24 -3.13 12.98
CA PHE B 44 12.10 -2.79 14.10
C PHE B 44 12.77 -4.15 14.43
N TRP B 45 14.10 -4.13 14.42
CA TRP B 45 14.90 -5.30 14.83
C TRP B 45 16.10 -4.84 15.64
N LYS B 46 16.25 -5.45 16.80
CA LYS B 46 17.49 -5.42 17.57
C LYS B 46 17.77 -6.76 18.24
N ASP B 47 19.05 -6.96 18.55
CA ASP B 47 19.46 -8.00 19.47
C ASP B 47 19.45 -7.45 20.87
N SER B 48 19.87 -8.31 21.81
CA SER B 48 19.75 -7.93 23.22
C SER B 48 20.75 -6.84 23.56
N GLY B 49 20.36 -6.05 24.55
CA GLY B 49 21.21 -5.01 25.04
C GLY B 49 20.72 -3.64 24.61
N GLY B 50 20.71 -2.70 25.55
CA GLY B 50 20.30 -1.33 25.27
C GLY B 50 18.82 -1.23 24.91
N SER B 51 18.43 -0.18 24.24
CA SER B 51 17.01 0.05 23.98
C SER B 51 16.87 0.81 22.67
N GLY B 52 15.67 0.73 22.12
CA GLY B 52 15.31 1.48 20.93
C GLY B 52 13.86 1.90 20.93
N SER B 53 13.55 2.91 20.12
CA SER B 53 12.19 3.43 19.97
C SER B 53 12.01 3.87 18.55
N MET B 54 10.90 3.44 17.92
CA MET B 54 10.57 3.80 16.54
C MET B 54 9.14 4.35 16.52
N THR B 55 8.97 5.51 15.90
CA THR B 55 7.66 6.08 15.68
C THR B 55 7.38 6.14 14.21
N LEU B 56 6.25 5.56 13.80
CA LEU B 56 5.86 5.50 12.38
C LEU B 56 5.02 6.73 12.04
N ASN B 57 5.39 7.42 10.99
CA ASN B 57 4.62 8.56 10.49
C ASN B 57 4.21 8.25 9.06
N SER B 58 3.61 9.22 8.39
CA SER B 58 2.84 8.93 7.19
C SER B 58 3.76 8.68 6.03
N GLY B 59 3.23 8.00 5.02
CA GLY B 59 4.01 7.53 3.93
C GLY B 59 5.15 6.59 4.42
N GLY B 60 6.33 6.80 3.85
CA GLY B 60 7.55 6.07 4.21
C GLY B 60 8.30 6.57 5.44
N THR B 61 7.74 7.57 6.13
CA THR B 61 8.45 8.28 7.19
C THR B 61 8.35 7.66 8.57
N PHE B 62 9.36 7.96 9.38
CA PHE B 62 9.48 7.47 10.75
C PHE B 62 10.62 8.16 11.43
N SER B 63 10.52 8.24 12.74
CA SER B 63 11.69 8.62 13.52
C SER B 63 12.12 7.41 14.39
N ALA B 64 13.33 7.56 14.93
CA ALA B 64 14.02 6.50 15.66
C ALA B 64 15.02 7.11 16.69
N GLN B 65 15.25 6.33 17.71
CA GLN B 65 16.16 6.67 18.77
C GLN B 65 16.66 5.35 19.36
N TRP B 66 17.93 5.36 19.72
CA TRP B 66 18.53 4.18 20.31
C TRP B 66 19.65 4.55 21.30
N SER B 67 19.82 3.70 22.33
CA SER B 67 20.97 3.78 23.27
C SER B 67 21.57 2.49 23.64
N ASN B 68 22.89 2.58 23.67
CA ASN B 68 23.77 1.53 24.11
C ASN B 68 23.34 0.15 23.62
N VAL B 69 23.14 0.06 22.31
CA VAL B 69 22.72 -1.19 21.71
C VAL B 69 23.91 -2.04 21.38
N ASN B 70 23.67 -3.31 21.09
CA ASN B 70 24.55 -4.09 20.30
C ASN B 70 24.31 -3.84 18.79
N ASN B 71 23.19 -4.31 18.24
CA ASN B 71 22.81 -4.01 16.86
C ASN B 71 21.28 -3.73 16.82
N ILE B 72 20.94 -2.65 16.14
CA ILE B 72 19.57 -2.22 15.90
C ILE B 72 19.41 -1.72 14.45
N LEU B 73 18.29 -2.15 13.83
CA LEU B 73 17.81 -1.67 12.51
C LEU B 73 16.37 -1.19 12.59
N PHE B 74 16.15 0.02 12.07
CA PHE B 74 14.83 0.63 11.85
C PHE B 74 14.64 0.88 10.34
N ARG B 75 13.51 0.40 9.77
CA ARG B 75 13.32 0.54 8.34
C ARG B 75 11.87 0.59 7.87
N LYS B 76 11.67 1.29 6.74
CA LYS B 76 10.40 1.34 5.97
C LYS B 76 10.71 1.23 4.49
N GLY B 77 10.11 0.25 3.82
CA GLY B 77 10.25 0.02 2.41
C GLY B 77 9.18 -0.98 1.91
N LYS B 78 9.62 -1.93 1.11
CA LYS B 78 8.78 -2.95 0.60
C LYS B 78 9.42 -4.33 0.77
N LYS B 79 8.63 -5.28 1.28
CA LYS B 79 8.96 -6.71 1.25
C LYS B 79 8.36 -7.40 0.03
N PHE B 80 9.05 -8.41 -0.50
CA PHE B 80 8.60 -9.10 -1.68
C PHE B 80 8.44 -10.58 -1.34
N ASP B 81 7.84 -11.35 -2.24
CA ASP B 81 7.50 -12.72 -1.95
C ASP B 81 8.56 -13.69 -2.42
N GLU B 82 9.74 -13.21 -2.77
CA GLU B 82 10.93 -14.11 -2.95
C GLU B 82 10.87 -14.91 -4.23
N THR B 83 10.16 -14.37 -5.19
CA THR B 83 9.81 -15.12 -6.39
C THR B 83 10.42 -14.42 -7.62
N GLN B 84 10.90 -13.20 -7.51
CA GLN B 84 11.27 -12.42 -8.67
C GLN B 84 12.60 -11.70 -8.46
N THR B 85 13.40 -11.56 -9.52
CA THR B 85 14.61 -10.72 -9.47
C THR B 85 14.23 -9.22 -9.46
N HIS B 86 15.21 -8.33 -9.22
CA HIS B 86 14.91 -6.93 -9.23
C HIS B 86 14.47 -6.55 -10.68
N GLN B 87 15.01 -7.25 -11.70
CA GLN B 87 14.67 -6.99 -13.11
C GLN B 87 13.21 -7.30 -13.32
N GLN B 88 12.71 -8.42 -12.79
CA GLN B 88 11.33 -8.77 -12.95
C GLN B 88 10.34 -7.87 -12.22
N ILE B 89 10.79 -7.25 -11.14
CA ILE B 89 9.96 -6.37 -10.35
C ILE B 89 9.85 -5.01 -11.00
N GLY B 90 10.94 -4.53 -11.56
CA GLY B 90 11.00 -3.22 -12.17
C GLY B 90 12.04 -2.30 -11.59
N ASN B 91 12.13 -1.13 -12.17
CA ASN B 91 13.08 -0.12 -11.74
C ASN B 91 12.78 0.24 -10.28
N MET B 92 13.81 0.45 -9.47
CA MET B 92 13.62 0.94 -8.13
C MET B 92 14.43 2.19 -7.91
N SER B 93 13.80 3.13 -7.21
CA SER B 93 14.44 4.34 -6.83
C SER B 93 13.84 4.83 -5.50
N ILE B 94 14.69 5.41 -4.66
CA ILE B 94 14.25 5.94 -3.41
C ILE B 94 14.60 7.43 -3.35
N ASN B 95 13.65 8.27 -3.01
CA ASN B 95 13.91 9.67 -2.74
C ASN B 95 13.67 9.90 -1.27
N TYR B 96 14.57 10.53 -0.56
CA TYR B 96 14.48 10.56 0.90
C TYR B 96 15.16 11.80 1.49
N GLY B 97 14.87 12.07 2.76
CA GLY B 97 15.60 13.04 3.50
C GLY B 97 15.54 12.67 4.96
N ALA B 98 16.64 12.90 5.67
CA ALA B 98 16.71 12.56 7.09
C ALA B 98 17.58 13.53 7.89
N THR B 99 17.11 13.88 9.08
CA THR B 99 17.92 14.41 10.15
C THR B 99 18.53 13.18 10.81
N TYR B 100 19.86 13.08 10.80
CA TYR B 100 20.62 11.93 11.21
C TYR B 100 21.78 12.31 12.22
N ASN B 101 21.59 11.89 13.47
CA ASN B 101 22.44 12.21 14.61
C ASN B 101 22.89 10.95 15.36
N PRO B 102 23.69 10.13 14.73
CA PRO B 102 24.30 9.03 15.41
C PRO B 102 25.39 9.49 16.43
N ASN B 103 25.55 8.69 17.49
CA ASN B 103 26.67 8.83 18.43
C ASN B 103 27.43 7.55 18.52
N GLY B 104 28.27 7.30 17.51
CA GLY B 104 28.88 6.02 17.38
C GLY B 104 28.68 5.42 16.01
N ASN B 105 28.97 4.14 15.92
CA ASN B 105 28.88 3.43 14.66
C ASN B 105 27.34 3.35 14.24
N SER B 106 27.03 3.70 13.00
CA SER B 106 25.63 3.83 12.51
C SER B 106 25.67 3.98 11.05
N TYR B 107 24.61 3.54 10.38
CA TYR B 107 24.50 3.78 8.94
C TYR B 107 23.13 4.40 8.62
N LEU B 108 23.11 5.26 7.59
CA LEU B 108 21.88 5.70 6.94
C LEU B 108 21.99 5.15 5.54
N THR B 109 21.12 4.18 5.22
CA THR B 109 21.37 3.33 4.05
C THR B 109 20.09 2.73 3.50
N VAL B 110 20.09 2.41 2.21
CA VAL B 110 19.08 1.54 1.68
C VAL B 110 19.58 0.15 2.08
N TYR B 111 18.66 -0.76 2.40
CA TYR B 111 19.01 -2.07 2.94
C TYR B 111 18.05 -3.10 2.45
N GLY B 112 18.53 -4.32 2.35
CA GLY B 112 17.63 -5.38 2.03
C GLY B 112 18.30 -6.71 1.90
N TRP B 113 17.56 -7.66 1.32
CA TRP B 113 18.00 -8.99 1.11
C TRP B 113 17.52 -9.53 -0.24
N THR B 114 18.25 -10.56 -0.66
CA THR B 114 17.91 -11.42 -1.78
C THR B 114 17.98 -12.83 -1.19
N VAL B 115 17.40 -13.81 -1.85
CA VAL B 115 17.54 -15.21 -1.48
C VAL B 115 17.90 -15.99 -2.74
N ASP B 116 18.53 -17.15 -2.53
CA ASP B 116 19.05 -18.04 -3.56
C ASP B 116 19.80 -17.29 -4.64
N PRO B 117 20.91 -16.67 -4.32
CA PRO B 117 21.53 -16.72 -2.99
C PRO B 117 21.08 -15.70 -1.97
N LEU B 118 21.36 -16.09 -0.72
CA LEU B 118 21.07 -15.25 0.43
C LEU B 118 22.08 -14.13 0.52
N VAL B 119 21.65 -12.90 0.35
CA VAL B 119 22.55 -11.79 0.39
C VAL B 119 21.92 -10.66 1.16
N GLU B 120 22.69 -10.07 2.05
CA GLU B 120 22.28 -8.84 2.72
C GLU B 120 22.98 -7.67 2.03
N PHE B 121 22.26 -6.62 1.64
CA PHE B 121 22.85 -5.57 0.87
C PHE B 121 22.57 -4.18 1.41
N TYR B 122 23.44 -3.26 1.03
CA TYR B 122 23.45 -1.91 1.55
C TYR B 122 23.84 -0.88 0.47
N ILE B 123 23.15 0.25 0.43
CA ILE B 123 23.58 1.41 -0.32
C ILE B 123 23.62 2.52 0.67
N VAL B 124 24.80 2.80 1.20
CA VAL B 124 24.97 3.67 2.34
C VAL B 124 25.28 5.07 1.90
N ASP B 125 24.50 6.04 2.36
CA ASP B 125 24.74 7.43 2.01
C ASP B 125 25.41 8.20 3.14
N SER B 126 25.18 7.78 4.39
CA SER B 126 25.87 8.39 5.53
C SER B 126 26.12 7.37 6.64
N TRP B 127 26.94 7.77 7.60
CA TRP B 127 27.46 6.89 8.64
C TRP B 127 27.81 7.77 9.84
N GLY B 128 28.06 7.11 10.95
CA GLY B 128 28.44 7.81 12.18
C GLY B 128 30.00 7.89 12.24
N THR B 129 30.61 7.18 13.22
CA THR B 129 32.08 7.29 13.43
C THR B 129 32.92 6.45 12.48
N TRP B 130 32.35 5.51 11.74
CA TRP B 130 33.15 4.63 10.92
C TRP B 130 32.47 4.42 9.59
N ARG B 131 33.26 4.54 8.51
CA ARG B 131 32.84 4.27 7.16
C ARG B 131 33.01 2.82 6.78
N PRO B 132 31.87 2.18 6.47
CA PRO B 132 31.89 0.74 6.24
C PRO B 132 32.37 0.50 4.86
N PRO B 133 32.66 -0.72 4.50
CA PRO B 133 32.62 -1.87 5.41
C PRO B 133 33.98 -2.50 5.71
N GLY B 134 35.07 -1.82 5.36
CA GLY B 134 36.39 -2.42 5.47
C GLY B 134 36.71 -3.20 4.23
N GLY B 135 38.00 -3.50 4.06
CA GLY B 135 38.47 -4.28 2.92
C GLY B 135 38.72 -3.42 1.69
N THR B 136 38.93 -4.12 0.60
CA THR B 136 39.30 -3.56 -0.67
C THR B 136 38.12 -3.43 -1.64
N PRO B 137 37.87 -2.23 -2.15
CA PRO B 137 36.80 -2.03 -3.12
C PRO B 137 36.92 -2.91 -4.32
N LYS B 138 35.81 -3.35 -4.88
CA LYS B 138 35.79 -4.09 -6.12
C LYS B 138 35.53 -3.20 -7.36
N GLY B 139 35.17 -1.95 -7.12
CA GLY B 139 34.65 -1.04 -8.14
C GLY B 139 34.10 0.24 -7.56
N THR B 140 33.69 1.13 -8.47
CA THR B 140 33.02 2.38 -8.14
C THR B 140 31.84 2.57 -9.10
N ILE B 141 30.91 3.41 -8.65
CA ILE B 141 29.82 3.88 -9.47
C ILE B 141 29.63 5.34 -9.15
N ASN B 142 29.51 6.15 -10.20
CA ASN B 142 29.14 7.53 -10.03
C ASN B 142 27.69 7.55 -10.42
N VAL B 143 26.87 8.05 -9.50
CA VAL B 143 25.41 8.05 -9.72
C VAL B 143 24.82 8.94 -8.66
N ASP B 144 23.70 9.57 -8.98
CA ASP B 144 23.01 10.45 -8.07
C ASP B 144 23.87 11.61 -7.57
N GLY B 145 24.75 12.10 -8.46
CA GLY B 145 25.60 13.25 -8.14
C GLY B 145 26.73 12.88 -7.18
N GLY B 146 26.97 11.58 -6.91
CA GLY B 146 27.98 11.18 -5.95
C GLY B 146 28.81 10.06 -6.48
N THR B 147 29.72 9.58 -5.65
CA THR B 147 30.57 8.45 -5.96
C THR B 147 30.52 7.42 -4.84
N TYR B 148 30.42 6.14 -5.22
CA TYR B 148 30.22 5.03 -4.28
C TYR B 148 31.29 4.00 -4.61
N GLN B 149 32.00 3.57 -3.58
CA GLN B 149 32.82 2.38 -3.66
C GLN B 149 31.99 1.15 -3.31
N ILE B 150 32.25 0.07 -4.04
CA ILE B 150 31.50 -1.15 -4.03
C ILE B 150 32.36 -2.23 -3.39
N TYR B 151 31.77 -2.98 -2.46
CA TYR B 151 32.45 -4.01 -1.69
C TYR B 151 31.59 -5.27 -1.53
N GLU B 152 32.28 -6.39 -1.32
CA GLU B 152 31.65 -7.68 -1.02
C GLU B 152 32.33 -8.25 0.25
N THR B 153 31.54 -8.54 1.29
CA THR B 153 32.01 -9.12 2.56
C THR B 153 31.24 -10.40 2.86
N THR B 154 31.68 -11.08 3.91
CA THR B 154 31.07 -12.29 4.40
C THR B 154 30.71 -12.17 5.87
N ARG B 155 29.50 -12.63 6.19
CA ARG B 155 29.06 -12.68 7.60
C ARG B 155 28.97 -14.15 7.91
N TYR B 156 29.55 -14.56 9.05
CA TYR B 156 29.60 -16.01 9.45
C TYR B 156 28.71 -16.28 10.69
N ASN B 157 27.84 -17.25 10.59
CA ASN B 157 26.85 -17.52 11.67
C ASN B 157 26.23 -16.33 12.27
N GLN B 158 25.62 -15.49 11.46
CA GLN B 158 24.94 -14.28 11.97
C GLN B 158 23.45 -14.33 11.74
N PRO B 159 22.71 -13.52 12.46
CA PRO B 159 21.26 -13.47 12.23
C PRO B 159 20.93 -13.11 10.78
N SER B 160 19.91 -13.78 10.24
CA SER B 160 19.42 -13.47 8.90
C SER B 160 17.95 -13.78 8.80
N ILE B 161 17.36 -13.43 7.64
CA ILE B 161 15.95 -13.79 7.38
C ILE B 161 15.80 -15.29 7.34
N LYS B 162 16.86 -16.03 7.11
CA LYS B 162 16.79 -17.50 7.11
C LYS B 162 17.37 -18.14 8.36
N GLY B 163 17.30 -17.43 9.48
CA GLY B 163 17.93 -17.90 10.69
C GLY B 163 19.42 -17.55 10.77
N THR B 164 20.05 -18.16 11.75
CA THR B 164 21.53 -18.03 11.91
C THR B 164 22.25 -18.64 10.74
N ALA B 165 22.98 -17.84 9.99
CA ALA B 165 23.55 -18.33 8.75
C ALA B 165 24.84 -17.62 8.35
N THR B 166 25.40 -18.12 7.26
CA THR B 166 26.62 -17.55 6.67
C THR B 166 26.30 -17.07 5.26
N PHE B 167 26.54 -15.79 4.97
CA PHE B 167 26.05 -15.21 3.72
C PHE B 167 26.92 -14.05 3.27
N GLN B 168 26.86 -13.73 2.00
CA GLN B 168 27.53 -12.51 1.54
C GLN B 168 26.73 -11.23 1.80
N GLN B 169 27.46 -10.12 1.98
CA GLN B 169 26.98 -8.79 1.97
C GLN B 169 27.49 -8.03 0.76
N TYR B 170 26.58 -7.28 0.08
CA TYR B 170 26.97 -6.41 -1.04
C TYR B 170 26.79 -5.01 -0.61
N TRP B 171 27.74 -4.15 -0.97
CA TRP B 171 27.76 -2.78 -0.53
C TRP B 171 28.13 -1.79 -1.64
N SER B 172 27.49 -0.64 -1.58
CA SER B 172 27.90 0.56 -2.26
C SER B 172 27.96 1.52 -1.14
N VAL B 173 29.03 2.29 -1.04
CA VAL B 173 29.20 3.22 0.09
C VAL B 173 29.70 4.55 -0.45
N ARG B 174 28.93 5.58 -0.20
CA ARG B 174 29.27 6.88 -0.68
C ARG B 174 30.63 7.31 -0.10
N THR B 175 31.33 8.02 -0.94
CA THR B 175 32.70 8.46 -0.71
C THR B 175 32.73 9.57 0.33
N SER B 176 31.59 10.20 0.46
CA SER B 176 31.35 11.31 1.36
C SER B 176 29.87 11.26 1.91
N LYS B 177 29.62 11.84 3.07
CA LYS B 177 28.30 11.76 3.68
C LYS B 177 27.21 12.61 3.01
N ARG B 178 26.02 12.05 2.76
CA ARG B 178 24.82 12.88 2.63
C ARG B 178 23.59 12.30 3.32
N THR B 179 22.60 13.14 3.57
CA THR B 179 21.41 12.74 4.25
C THR B 179 20.10 13.11 3.52
N SER B 180 20.17 13.38 2.22
CA SER B 180 18.97 13.58 1.39
C SER B 180 19.30 13.51 -0.06
N GLY B 181 18.32 13.14 -0.87
CA GLY B 181 18.52 13.01 -2.29
C GLY B 181 17.84 11.78 -2.81
N THR B 182 18.29 11.32 -3.96
CA THR B 182 17.69 10.24 -4.62
C THR B 182 18.73 9.14 -4.76
N ILE B 183 18.33 7.91 -4.47
CA ILE B 183 19.15 6.73 -4.65
C ILE B 183 18.55 5.83 -5.70
N SER B 184 19.27 5.72 -6.81
CA SER B 184 18.82 4.98 -7.97
C SER B 184 19.21 3.54 -7.74
N VAL B 185 18.34 2.83 -6.96
CA VAL B 185 18.73 1.53 -6.48
C VAL B 185 19.08 0.53 -7.54
N SER B 186 18.28 0.50 -8.59
CA SER B 186 18.50 -0.46 -9.67
C SER B 186 19.88 -0.26 -10.34
N GLU B 187 20.33 0.98 -10.45
CA GLU B 187 21.68 1.26 -10.97
C GLU B 187 22.79 0.61 -10.10
N HIS B 188 22.70 0.71 -8.77
CA HIS B 188 23.64 -0.02 -7.89
C HIS B 188 23.55 -1.50 -8.13
N PHE B 189 22.33 -2.00 -8.25
CA PHE B 189 22.15 -3.42 -8.38
C PHE B 189 22.91 -3.88 -9.64
N ARG B 190 22.69 -3.19 -10.77
CA ARG B 190 23.37 -3.51 -12.06
C ARG B 190 24.89 -3.42 -11.95
N ALA B 191 25.38 -2.39 -11.28
CA ALA B 191 26.79 -2.26 -11.06
C ALA B 191 27.32 -3.49 -10.31
N TRP B 192 26.62 -3.94 -9.25
CA TRP B 192 27.07 -5.09 -8.47
C TRP B 192 27.05 -6.29 -9.36
N GLU B 193 26.00 -6.48 -10.12
CA GLU B 193 25.97 -7.69 -10.92
C GLU B 193 27.07 -7.67 -12.02
N SER B 194 27.46 -6.49 -12.49
CA SER B 194 28.44 -6.40 -13.58
C SER B 194 29.84 -6.75 -13.04
N LEU B 195 30.04 -6.58 -11.72
CA LEU B 195 31.26 -7.01 -11.05
C LEU B 195 31.20 -8.45 -10.56
N GLY B 196 30.28 -9.24 -11.03
CA GLY B 196 30.19 -10.62 -10.60
C GLY B 196 29.45 -10.92 -9.27
N MET B 197 28.89 -9.89 -8.61
CA MET B 197 28.11 -10.03 -7.37
C MET B 197 26.67 -10.38 -7.75
N ASN B 198 26.42 -11.67 -7.86
CA ASN B 198 25.17 -12.28 -8.28
C ASN B 198 24.05 -12.04 -7.20
N MET B 199 22.88 -11.61 -7.65
CA MET B 199 21.74 -11.28 -6.79
C MET B 199 20.72 -12.34 -7.03
N GLY B 200 20.04 -12.73 -5.96
CA GLY B 200 18.95 -13.71 -5.98
C GLY B 200 17.59 -13.03 -6.13
N ASN B 201 16.53 -13.74 -5.85
CA ASN B 201 15.21 -13.20 -5.84
C ASN B 201 15.06 -12.26 -4.66
N MET B 202 14.39 -11.14 -4.87
CA MET B 202 14.28 -10.09 -3.89
C MET B 202 13.40 -10.44 -2.74
N TYR B 203 13.84 -10.05 -1.55
CA TYR B 203 13.06 -10.18 -0.34
C TYR B 203 12.68 -8.81 0.21
N GLU B 204 13.52 -7.79 0.03
CA GLU B 204 13.23 -6.51 0.61
C GLU B 204 14.14 -5.40 0.05
N VAL B 205 13.60 -4.20 -0.03
CA VAL B 205 14.39 -2.98 -0.15
C VAL B 205 13.71 -1.89 0.69
N ALA B 206 14.52 -1.21 1.49
CA ALA B 206 14.01 -0.27 2.44
C ALA B 206 15.07 0.73 2.90
N LEU B 207 14.66 1.96 3.06
CA LEU B 207 15.50 2.93 3.69
C LEU B 207 15.56 2.59 5.19
N THR B 208 16.79 2.63 5.70
CA THR B 208 17.17 2.02 7.01
C THR B 208 18.14 2.89 7.82
N VAL B 209 17.95 2.92 9.13
CA VAL B 209 18.90 3.49 10.09
C VAL B 209 19.39 2.30 10.90
N GLU B 210 20.69 2.02 10.79
CA GLU B 210 21.36 1.00 11.56
C GLU B 210 22.27 1.64 12.66
N GLY B 211 22.27 1.03 13.85
CA GLY B 211 23.15 1.37 14.96
C GLY B 211 23.92 0.15 15.40
N TYR B 212 25.21 0.32 15.70
CA TYR B 212 26.12 -0.79 16.14
C TYR B 212 26.97 -0.25 17.33
N GLN B 213 26.80 -0.87 18.49
CA GLN B 213 27.54 -0.50 19.72
C GLN B 213 27.52 1.00 19.92
N SER B 214 26.30 1.54 19.82
CA SER B 214 26.12 2.99 19.83
C SER B 214 24.81 3.43 20.34
N SER B 215 24.69 4.75 20.35
CA SER B 215 23.48 5.47 20.65
C SER B 215 23.20 6.39 19.48
N GLY B 216 22.01 7.00 19.42
CA GLY B 216 21.70 7.93 18.34
C GLY B 216 20.24 8.26 18.21
N SER B 217 19.95 9.13 17.26
CA SER B 217 18.57 9.47 16.87
C SER B 217 18.60 9.87 15.36
N ALA B 218 17.45 9.69 14.71
CA ALA B 218 17.23 10.07 13.32
C ALA B 218 15.75 10.33 13.09
N ASN B 219 15.46 11.26 12.18
CA ASN B 219 14.09 11.54 11.77
C ASN B 219 14.09 11.46 10.26
N VAL B 220 13.55 10.36 9.74
CA VAL B 220 13.37 10.18 8.31
C VAL B 220 12.06 10.91 7.96
N TYR B 221 12.19 12.19 7.56
CA TYR B 221 11.05 13.06 7.31
C TYR B 221 10.54 12.95 5.85
N SER B 222 11.30 12.27 5.00
CA SER B 222 10.92 11.98 3.62
C SER B 222 11.49 10.62 3.22
N ASN B 223 10.67 9.80 2.55
CA ASN B 223 11.12 8.50 2.11
C ASN B 223 10.05 7.90 1.17
N THR B 224 10.38 7.85 -0.11
CA THR B 224 9.44 7.45 -1.12
C THR B 224 10.15 6.54 -1.99
N LEU B 225 9.61 5.31 -2.05
CA LEU B 225 10.15 4.26 -2.86
C LEU B 225 9.22 4.11 -4.07
N THR B 226 9.82 4.19 -5.25
CA THR B 226 9.14 4.11 -6.53
C THR B 226 9.65 2.89 -7.28
N ILE B 227 8.70 2.04 -7.62
CA ILE B 227 8.90 0.87 -8.45
C ILE B 227 8.24 1.09 -9.79
N GLY B 228 8.95 0.87 -10.91
CA GLY B 228 8.38 1.04 -12.24
C GLY B 228 8.62 2.44 -12.85
N GLY B 229 9.25 3.33 -12.14
CA GLY B 229 9.55 4.64 -12.70
C GLY B 229 10.39 4.63 -13.97
N GLN B 230 10.36 5.77 -14.65
CA GLN B 230 10.91 5.86 -15.99
C GLN B 230 12.41 5.58 -15.88
N SER B 231 12.90 4.74 -16.78
CA SER B 231 14.33 4.50 -16.92
C SER B 231 14.91 5.37 -18.06
N GLN B 235 9.71 5.29 -23.82
CA GLN B 235 9.07 4.86 -25.10
C GLN B 235 7.57 4.38 -25.06
N ALA B 236 6.60 5.30 -25.28
CA ALA B 236 5.19 4.87 -25.45
C ALA B 236 4.94 4.01 -26.69
N THR B 237 4.14 2.96 -26.60
CA THR B 237 3.62 2.30 -27.79
C THR B 237 2.13 2.61 -28.00
N ARG B 238 1.75 3.12 -29.19
CA ARG B 238 0.38 3.39 -29.59
C ARG B 238 -0.09 2.37 -30.58
N VAL B 239 -1.24 1.79 -30.34
CA VAL B 239 -1.80 0.77 -31.13
C VAL B 239 -3.24 1.21 -31.52
N GLU B 240 -3.47 1.40 -32.82
CA GLU B 240 -4.73 1.92 -33.35
C GLU B 240 -5.70 0.85 -33.17
N ALA B 241 -6.91 1.18 -32.73
CA ALA B 241 -7.89 0.14 -32.43
C ALA B 241 -8.25 -0.65 -33.68
N GLU B 242 -8.29 0.05 -34.80
CA GLU B 242 -8.72 -0.56 -36.09
C GLU B 242 -7.69 -1.58 -36.62
N SER B 243 -6.48 -1.55 -36.08
CA SER B 243 -5.42 -2.48 -36.50
C SER B 243 -5.42 -3.75 -35.66
N MET B 244 -6.30 -3.83 -34.67
CA MET B 244 -6.28 -4.91 -33.74
C MET B 244 -7.23 -5.95 -34.28
N THR B 245 -7.25 -7.11 -33.67
CA THR B 245 -8.15 -8.13 -34.06
C THR B 245 -9.54 -7.92 -33.45
N LYS B 246 -10.57 -8.17 -34.24
CA LYS B 246 -11.93 -7.96 -33.84
C LYS B 246 -12.48 -9.24 -33.35
N GLY B 247 -13.35 -9.18 -32.37
CA GLY B 247 -14.09 -10.34 -31.94
C GLY B 247 -15.44 -9.93 -31.46
N GLY B 248 -16.28 -10.91 -31.29
CA GLY B 248 -17.67 -10.72 -30.95
C GLY B 248 -18.59 -10.42 -32.12
N PRO B 249 -19.88 -10.29 -31.81
CA PRO B 249 -20.91 -10.16 -32.85
C PRO B 249 -20.93 -8.96 -33.74
N TYR B 250 -20.46 -7.76 -33.35
CA TYR B 250 -20.72 -6.56 -34.15
C TYR B 250 -19.59 -5.64 -34.34
N THR B 251 -18.50 -5.89 -33.64
CA THR B 251 -17.37 -4.98 -33.70
C THR B 251 -17.11 -4.56 -35.09
N SER B 252 -16.88 -3.28 -35.30
CA SER B 252 -16.78 -2.80 -36.66
C SER B 252 -15.99 -1.55 -36.67
N ASN B 253 -15.42 -1.17 -37.81
CA ASN B 253 -14.66 0.06 -37.93
C ASN B 253 -15.55 1.29 -38.00
N ILE B 254 -15.01 2.49 -37.69
CA ILE B 254 -15.77 3.70 -37.75
C ILE B 254 -14.80 4.74 -38.17
N THR B 255 -15.29 5.87 -38.68
CA THR B 255 -14.46 7.05 -39.00
C THR B 255 -14.93 8.27 -38.28
N SER B 256 -16.07 8.12 -37.60
CA SER B 256 -16.54 9.22 -36.76
C SER B 256 -16.91 8.71 -35.38
N PRO B 257 -16.50 9.37 -34.31
CA PRO B 257 -15.75 10.63 -34.25
C PRO B 257 -14.27 10.56 -34.43
N PHE B 258 -13.81 9.38 -34.80
CA PHE B 258 -12.42 9.22 -35.17
C PHE B 258 -12.35 7.94 -35.95
N ASN B 259 -11.20 7.73 -36.59
CA ASN B 259 -10.90 6.38 -37.15
C ASN B 259 -10.71 5.41 -36.01
N GLY B 260 -11.48 4.37 -35.97
CA GLY B 260 -11.34 3.44 -34.92
C GLY B 260 -12.32 2.35 -35.06
N VAL B 261 -12.87 1.95 -33.93
CA VAL B 261 -13.74 0.80 -33.90
C VAL B 261 -14.91 1.13 -32.97
N ALA B 262 -16.03 0.45 -33.13
CA ALA B 262 -17.14 0.51 -32.22
C ALA B 262 -17.35 -0.86 -31.66
N LEU B 263 -17.68 -0.90 -30.35
CA LEU B 263 -18.13 -2.05 -29.67
C LEU B 263 -19.55 -1.83 -29.21
N TYR B 264 -20.47 -2.67 -29.71
CA TYR B 264 -21.90 -2.46 -29.64
C TYR B 264 -22.49 -3.39 -28.65
N ALA B 265 -21.91 -4.57 -28.42
CA ALA B 265 -22.66 -5.54 -27.64
C ALA B 265 -21.75 -6.28 -26.75
N ASN B 266 -22.29 -6.94 -25.75
CA ASN B 266 -21.48 -7.72 -24.83
C ASN B 266 -20.67 -8.78 -25.67
N GLY B 267 -19.35 -8.90 -25.47
CA GLY B 267 -18.47 -9.79 -26.19
C GLY B 267 -17.75 -9.09 -27.29
N ASP B 268 -18.22 -7.91 -27.70
CA ASP B 268 -17.50 -7.17 -28.70
C ASP B 268 -16.19 -6.69 -28.04
N ASN B 269 -15.09 -6.85 -28.74
CA ASN B 269 -13.75 -6.64 -28.21
C ASN B 269 -12.76 -6.49 -29.31
N VAL B 270 -11.67 -5.82 -29.01
CA VAL B 270 -10.53 -5.78 -29.85
C VAL B 270 -9.36 -6.29 -29.01
N SER B 271 -8.42 -6.97 -29.65
CA SER B 271 -7.35 -7.65 -28.92
C SER B 271 -6.13 -7.72 -29.74
N PHE B 272 -4.99 -7.72 -29.06
CA PHE B 272 -3.69 -7.89 -29.68
C PHE B 272 -2.70 -8.42 -28.63
N ASN B 273 -1.70 -9.15 -29.13
CA ASN B 273 -0.56 -9.59 -28.29
C ASN B 273 0.51 -8.59 -28.27
N HIS B 274 1.04 -8.39 -27.08
CA HIS B 274 2.04 -7.38 -26.92
C HIS B 274 3.16 -7.94 -26.11
N SER B 275 4.32 -7.46 -26.44
CA SER B 275 5.52 -7.89 -25.82
C SER B 275 5.84 -6.90 -24.74
N PHE B 276 5.54 -7.26 -23.50
CA PHE B 276 5.88 -6.43 -22.36
C PHE B 276 7.31 -6.70 -21.96
N THR B 277 8.17 -5.70 -22.05
CA THR B 277 9.58 -5.84 -21.76
C THR B 277 9.92 -5.32 -20.38
N LYS B 278 8.93 -4.79 -19.69
CA LYS B 278 9.03 -4.46 -18.27
C LYS B 278 7.74 -4.92 -17.64
N ALA B 279 7.73 -4.96 -16.31
CA ALA B 279 6.65 -5.63 -15.59
C ALA B 279 5.42 -4.78 -15.30
N ASN B 280 5.51 -3.46 -15.40
CA ASN B 280 4.41 -2.56 -15.04
C ASN B 280 4.18 -1.57 -16.15
N SER B 281 2.91 -1.21 -16.38
CA SER B 281 2.49 -0.28 -17.42
C SER B 281 1.27 0.56 -17.01
N SER B 282 1.09 1.69 -17.70
CA SER B 282 -0.16 2.47 -17.74
C SER B 282 -0.70 2.23 -19.12
N PHE B 283 -2.02 2.13 -19.15
CA PHE B 283 -2.81 1.98 -20.35
C PHE B 283 -3.72 3.21 -20.56
N SER B 284 -3.56 3.89 -21.68
CA SER B 284 -4.31 5.12 -21.99
C SER B 284 -5.15 4.85 -23.22
N LEU B 285 -6.46 4.76 -23.06
CA LEU B 285 -7.36 4.51 -24.16
C LEU B 285 -8.13 5.80 -24.53
N ARG B 286 -7.99 6.23 -25.77
CA ARG B 286 -8.80 7.31 -26.35
C ARG B 286 -10.05 6.75 -26.91
N GLY B 287 -11.19 7.21 -26.39
CA GLY B 287 -12.48 6.68 -26.79
C GLY B 287 -13.61 7.68 -26.44
N ALA B 288 -14.84 7.22 -26.56
CA ALA B 288 -16.01 8.02 -26.24
C ALA B 288 -17.16 7.12 -26.18
N SER B 289 -18.23 7.51 -25.48
CA SER B 289 -19.55 6.97 -25.72
C SER B 289 -20.13 7.48 -27.03
N ASN B 290 -21.15 6.79 -27.55
CA ASN B 290 -21.84 7.34 -28.73
C ASN B 290 -22.82 8.44 -28.23
N ASN B 291 -23.10 8.53 -26.92
CA ASN B 291 -24.12 9.43 -26.40
C ASN B 291 -23.74 9.94 -25.02
N SER B 292 -24.74 10.43 -24.29
CA SER B 292 -24.45 11.09 -23.02
C SER B 292 -24.44 10.05 -21.94
N ASN B 293 -24.82 8.80 -22.24
CA ASN B 293 -24.67 7.74 -21.23
C ASN B 293 -23.21 7.26 -21.14
N MET B 294 -22.86 6.81 -19.98
CA MET B 294 -21.46 6.39 -19.70
C MET B 294 -21.16 5.02 -20.35
N ALA B 295 -20.14 4.99 -21.17
CA ALA B 295 -19.68 3.77 -21.81
C ALA B 295 -18.49 3.20 -20.95
N ARG B 296 -18.55 1.90 -20.70
CA ARG B 296 -17.46 1.19 -19.97
C ARG B 296 -16.81 0.12 -20.88
N VAL B 297 -15.50 0.06 -20.87
CA VAL B 297 -14.71 -0.91 -21.61
C VAL B 297 -13.72 -1.53 -20.62
N ASP B 298 -13.71 -2.85 -20.49
CA ASP B 298 -12.77 -3.55 -19.57
C ASP B 298 -11.45 -3.84 -20.24
N LEU B 299 -10.40 -3.59 -19.53
CA LEU B 299 -9.10 -4.03 -19.87
C LEU B 299 -8.87 -5.46 -19.34
N ARG B 300 -8.54 -6.38 -20.23
CA ARG B 300 -7.98 -7.69 -19.82
C ARG B 300 -6.57 -7.95 -20.32
N ILE B 301 -5.77 -8.51 -19.42
CA ILE B 301 -4.43 -8.95 -19.76
C ILE B 301 -4.29 -10.48 -19.45
N GLY B 302 -3.99 -11.27 -20.46
CA GLY B 302 -3.97 -12.73 -20.30
C GLY B 302 -5.25 -13.28 -19.78
N GLY B 303 -6.38 -12.64 -20.10
CA GLY B 303 -7.68 -13.18 -19.79
C GLY B 303 -8.23 -12.68 -18.51
N GLN B 304 -7.43 -11.95 -17.77
CA GLN B 304 -7.81 -11.46 -16.48
C GLN B 304 -8.12 -9.91 -16.48
N ASN B 305 -9.26 -9.59 -15.89
CA ASN B 305 -9.69 -8.22 -15.75
C ASN B 305 -8.73 -7.43 -14.94
N ARG B 306 -8.21 -6.34 -15.49
CA ARG B 306 -7.24 -5.49 -14.82
C ARG B 306 -7.78 -4.07 -14.51
N GLY B 307 -8.99 -3.76 -14.99
CA GLY B 307 -9.64 -2.48 -14.75
C GLY B 307 -10.66 -2.10 -15.79
N THR B 308 -11.33 -0.96 -15.60
CA THR B 308 -12.37 -0.53 -16.54
C THR B 308 -12.07 0.90 -16.99
N PHE B 309 -12.14 1.15 -18.29
CA PHE B 309 -12.04 2.46 -18.84
C PHE B 309 -13.51 3.05 -18.91
N TYR B 310 -13.64 4.28 -18.43
CA TYR B 310 -14.92 5.03 -18.39
C TYR B 310 -14.94 6.20 -19.37
N PHE B 311 -15.91 6.19 -20.26
CA PHE B 311 -16.14 7.30 -21.18
C PHE B 311 -17.50 7.90 -20.83
N GLY B 312 -17.49 9.03 -20.15
CA GLY B 312 -18.73 9.55 -19.62
C GLY B 312 -19.66 10.26 -20.61
N ASP B 313 -19.19 10.53 -21.84
CA ASP B 313 -19.64 11.58 -22.83
C ASP B 313 -19.44 10.99 -24.21
N GLN B 314 -20.02 11.73 -25.17
CA GLN B 314 -19.88 11.63 -26.59
C GLN B 314 -18.63 12.28 -27.09
N TYR B 315 -17.90 12.95 -26.22
CA TYR B 315 -16.69 13.69 -26.63
C TYR B 315 -15.40 12.86 -26.39
N PRO B 316 -14.59 12.68 -27.44
CA PRO B 316 -13.36 11.88 -27.33
C PRO B 316 -12.59 12.29 -26.10
N ALA B 317 -12.19 11.27 -25.38
CA ALA B 317 -11.40 11.50 -24.13
C ALA B 317 -10.34 10.37 -23.98
N VAL B 318 -9.32 10.64 -23.19
CA VAL B 318 -8.22 9.71 -22.95
C VAL B 318 -8.33 9.27 -21.50
N TYR B 319 -8.80 8.04 -21.28
CA TYR B 319 -8.86 7.44 -19.96
C TYR B 319 -7.62 6.54 -19.68
N THR B 320 -6.95 6.81 -18.58
CA THR B 320 -5.73 6.10 -18.25
C THR B 320 -5.94 5.17 -17.04
N ILE B 321 -5.61 3.87 -17.21
CA ILE B 321 -5.52 2.94 -16.04
C ILE B 321 -4.01 2.77 -15.80
N ASN B 322 -3.55 3.34 -14.72
CA ASN B 322 -2.17 3.31 -14.34
C ASN B 322 -1.78 2.14 -13.41
N ASN B 323 -0.48 1.89 -13.30
CA ASN B 323 0.05 0.99 -12.27
C ASN B 323 -0.49 -0.45 -12.38
N ILE B 324 -0.52 -1.00 -13.60
CA ILE B 324 -0.89 -2.40 -13.79
C ILE B 324 0.42 -3.24 -13.78
N ASN B 325 0.51 -4.14 -12.81
CA ASN B 325 1.65 -5.06 -12.68
C ASN B 325 1.26 -6.32 -13.41
N HIS B 326 1.80 -6.51 -14.58
CA HIS B 326 1.47 -7.68 -15.41
C HIS B 326 2.65 -8.66 -15.64
N GLY B 327 3.88 -8.25 -15.32
CA GLY B 327 5.07 -9.08 -15.56
C GLY B 327 5.58 -8.97 -17.00
N ILE B 328 6.85 -9.31 -17.17
CA ILE B 328 7.52 -9.27 -18.47
C ILE B 328 6.99 -10.45 -19.26
N GLY B 329 6.70 -10.28 -20.55
CA GLY B 329 6.25 -11.41 -21.35
C GLY B 329 5.33 -10.94 -22.44
N ASN B 330 5.12 -11.82 -23.40
CA ASN B 330 4.18 -11.62 -24.49
C ASN B 330 2.85 -12.07 -23.96
N GLN B 331 1.86 -11.16 -24.00
CA GLN B 331 0.55 -11.33 -23.32
C GLN B 331 -0.53 -10.61 -24.12
N LEU B 332 -1.72 -11.18 -24.02
CA LEU B 332 -2.87 -10.77 -24.79
C LEU B 332 -3.54 -9.58 -24.04
N VAL B 333 -3.64 -8.44 -24.75
CA VAL B 333 -4.37 -7.26 -24.30
C VAL B 333 -5.74 -7.32 -24.91
N GLU B 334 -6.79 -7.34 -24.08
CA GLU B 334 -8.17 -7.22 -24.63
C GLU B 334 -8.86 -5.90 -24.15
N LEU B 335 -9.66 -5.29 -25.02
CA LEU B 335 -10.56 -4.15 -24.73
C LEU B 335 -11.93 -4.62 -25.02
N ILE B 336 -12.73 -4.88 -23.99
CA ILE B 336 -13.94 -5.60 -24.24
C ILE B 336 -15.17 -5.00 -23.52
N VAL B 337 -16.32 -5.05 -24.16
CA VAL B 337 -17.54 -4.60 -23.51
C VAL B 337 -18.24 -5.78 -22.89
N THR B 338 -18.58 -5.64 -21.62
CA THR B 338 -19.35 -6.62 -20.90
C THR B 338 -20.54 -6.05 -20.19
N ALA B 339 -20.75 -4.73 -20.17
CA ALA B 339 -21.92 -4.25 -19.41
C ALA B 339 -22.87 -3.48 -20.30
N ASP B 340 -22.90 -3.81 -21.57
CA ASP B 340 -23.88 -3.21 -22.48
C ASP B 340 -25.28 -3.62 -22.07
N ASP B 341 -26.26 -2.71 -22.22
CA ASP B 341 -27.69 -3.04 -22.10
C ASP B 341 -28.52 -2.35 -23.15
N GLY B 342 -27.93 -1.96 -24.26
CA GLY B 342 -28.63 -1.25 -25.30
C GLY B 342 -28.76 0.29 -25.19
N THR B 343 -28.09 0.93 -24.22
CA THR B 343 -28.21 2.37 -24.08
C THR B 343 -27.02 3.18 -24.51
N TRP B 344 -25.95 2.49 -24.91
CA TRP B 344 -24.75 3.18 -25.36
C TRP B 344 -23.90 2.20 -26.18
N ASP B 345 -22.99 2.71 -27.00
CA ASP B 345 -21.92 1.97 -27.60
C ASP B 345 -20.62 2.68 -27.25
N ALA B 346 -19.53 1.93 -27.27
CA ALA B 346 -18.18 2.44 -27.09
C ALA B 346 -17.44 2.59 -28.34
N TYR B 347 -16.83 3.74 -28.47
CA TYR B 347 -16.04 4.05 -29.59
C TYR B 347 -14.57 4.13 -29.09
N LEU B 348 -13.69 3.39 -29.78
CA LEU B 348 -12.26 3.38 -29.44
C LEU B 348 -11.41 3.83 -30.58
N ASP B 349 -10.52 4.71 -30.31
CA ASP B 349 -9.62 5.28 -31.27
C ASP B 349 -8.27 4.51 -31.21
N TYR B 350 -7.55 4.65 -30.11
CA TYR B 350 -6.29 3.96 -29.89
C TYR B 350 -6.04 3.68 -28.41
N LEU B 351 -5.11 2.71 -28.16
CA LEU B 351 -4.56 2.36 -26.86
C LEU B 351 -3.07 2.64 -26.83
N GLU B 352 -2.62 3.42 -25.87
CA GLU B 352 -1.24 3.61 -25.66
C GLU B 352 -0.74 2.93 -24.34
N ILE B 353 0.42 2.24 -24.43
CA ILE B 353 1.03 1.53 -23.30
C ILE B 353 2.32 2.20 -23.03
N ARG B 354 2.56 2.65 -21.77
CA ARG B 354 3.82 3.25 -21.30
C ARG B 354 4.42 2.52 -20.01
CA CA C . 3.13 -19.00 29.57
CA CA D . 14.91 -27.98 17.70
C1 MPD E . -17.49 6.64 -11.20
C2 MPD E . -16.21 7.38 -11.39
O2 MPD E . -15.23 6.94 -10.38
CM MPD E . -15.65 7.02 -12.75
C3 MPD E . -16.53 8.89 -11.23
C4 MPD E . -17.49 9.22 -10.08
O4 MPD E . -16.80 9.20 -8.83
C5 MPD E . -18.06 10.62 -10.28
C1 MPD F . -2.76 1.60 1.24
C2 MPD F . -3.59 2.43 2.21
O2 MPD F . -2.77 2.83 3.34
CM MPD F . -4.18 3.73 1.63
C3 MPD F . -4.67 1.49 2.71
C4 MPD F . -4.29 1.08 4.09
O4 MPD F . -4.42 2.30 4.75
C5 MPD F . -5.16 -0.07 4.64
C1 GOL G . 24.86 -23.31 21.82
O1 GOL G . 24.98 -24.43 22.67
C2 GOL G . 25.45 -23.81 20.51
O2 GOL G . 25.22 -25.19 20.44
C3 GOL G . 24.86 -23.15 19.29
O3 GOL G . 25.25 -23.81 18.10
C1 GOL H . -19.31 26.93 -18.34
O1 GOL H . -20.50 26.31 -18.73
C2 GOL H . -18.11 26.02 -18.38
O2 GOL H . -18.27 24.59 -18.42
C3 GOL H . -17.30 26.28 -19.60
O3 GOL H . -16.20 25.37 -19.49
C1 GOL I . 5.83 -13.94 32.02
O1 GOL I . 4.95 -12.89 31.52
C2 GOL I . 5.12 -15.22 32.54
O2 GOL I . 3.93 -15.48 31.78
C3 GOL I . 6.14 -16.39 32.50
O3 GOL I . 6.22 -17.33 33.57
C1 GOL J . 19.92 -28.06 21.20
O1 GOL J . 20.03 -26.95 20.34
C2 GOL J . 18.45 -28.50 21.15
O2 GOL J . 18.14 -28.75 19.80
C3 GOL J . 18.09 -29.65 22.12
O3 GOL J . 16.78 -30.24 21.89
C1 GOL K . 13.36 -34.62 23.78
O1 GOL K . 12.61 -33.72 24.59
C2 GOL K . 13.97 -33.89 22.57
O2 GOL K . 15.02 -33.05 22.99
C3 GOL K . 14.51 -34.85 21.53
O3 GOL K . 14.64 -34.17 20.30
C1 GOL L . -13.36 15.53 -20.18
O1 GOL L . -12.71 16.79 -20.06
C2 GOL L . -12.28 14.43 -20.41
O2 GOL L . -11.50 14.78 -21.54
C3 GOL L . -11.37 14.33 -19.20
O3 GOL L . -10.27 13.45 -19.35
C1 GOL M . -26.55 16.91 -4.63
O1 GOL M . -27.07 17.82 -3.67
C2 GOL M . -25.52 17.62 -5.51
O2 GOL M . -25.93 18.95 -5.83
C3 GOL M . -24.12 17.64 -4.87
O3 GOL M . -23.19 18.02 -5.87
CA CA N . -7.64 4.86 -34.30
CA CA O . -24.17 -1.04 -27.03
C1 MPD P . 16.01 -10.87 9.38
C2 MPD P . 15.43 -9.81 10.30
O2 MPD P . 14.64 -8.88 9.50
CM MPD P . 14.50 -10.50 11.30
C3 MPD P . 16.61 -9.08 10.98
C4 MPD P . 17.79 -8.66 10.09
O4 MPD P . 17.40 -7.65 9.13
C5 MPD P . 18.89 -8.04 10.96
C1 MPD Q . 4.25 2.51 -1.64
C2 MPD Q . 4.63 1.04 -1.51
O2 MPD Q . 5.91 1.07 -0.84
CM MPD Q . 3.62 0.32 -0.67
C3 MPD Q . 4.65 0.24 -2.80
C4 MPD Q . 5.27 1.08 -3.85
O4 MPD Q . 6.35 1.66 -3.18
C5 MPD Q . 5.74 0.24 -5.03
C1 GOL R . 4.08 2.60 -16.02
O1 GOL R . 4.49 3.60 -16.98
C2 GOL R . 4.08 3.09 -14.56
O2 GOL R . 3.19 4.17 -14.29
C3 GOL R . 3.85 1.96 -13.59
O3 GOL R . 4.78 2.12 -12.49
C1 GOL S . 13.64 15.50 -0.08
O1 GOL S . 12.47 14.72 -0.15
C2 GOL S . 14.46 15.14 -1.33
O2 GOL S . 13.68 15.40 -2.47
C3 GOL S . 15.77 15.94 -1.40
O3 GOL S . 16.25 16.05 -2.73
C1 GOL T . -25.99 -2.81 -32.99
O1 GOL T . -26.65 -3.95 -32.44
C2 GOL T . -25.55 -3.11 -34.41
O2 GOL T . -26.70 -3.64 -35.00
C3 GOL T . -25.08 -1.85 -35.16
O3 GOL T . -24.19 -2.15 -36.22
C1 GOL U . 15.94 -7.57 22.42
O1 GOL U . 16.27 -6.34 23.12
C2 GOL U . 14.41 -7.79 22.29
O2 GOL U . 13.82 -7.67 23.58
C3 GOL U . 13.80 -6.77 21.32
O3 GOL U . 12.42 -6.96 21.15
C1 GOL V . -5.21 10.92 -33.33
O1 GOL V . -5.24 11.57 -32.06
C2 GOL V . -6.21 9.73 -33.52
O2 GOL V . -7.51 10.12 -33.97
C3 GOL V . -5.68 8.70 -34.53
O3 GOL V . -6.68 8.26 -35.42
#